data_6KP2
#
_entry.id   6KP2
#
_cell.length_a   56.995
_cell.length_b   155.944
_cell.length_c   165.340
_cell.angle_alpha   90.000
_cell.angle_beta   90.000
_cell.angle_gamma   90.000
#
_symmetry.space_group_name_H-M   'P 21 21 21'
#
loop_
_entity.id
_entity.type
_entity.pdbx_description
1 polymer 'Bifunctional dihydrofolate reductase-thymidylate synthase'
2 non-polymer 'NADPH DIHYDRO-NICOTINAMIDE-ADENINE-DINUCLEOTIDE PHOSPHATE'
3 non-polymer 5-(3-chlorophenyl)-6-(3-phenoxypropyl)pyrimidine-2,4-diamine
4 non-polymer GLYCEROL
5 non-polymer 'PHOSPHATE ION'
6 water water
#
_entity_poly.entity_id   1
_entity_poly.type   'polypeptide(L)'
_entity_poly.pdbx_seq_one_letter_code
;MMEQVCDVFDIYAICACCKVESKNEGKKNEVFNNYTFRGLGNKGVLPWKCISLDMKYFRAVTTYVNESKYEKLKYKRCKY
LNKETVDNVNDMPNSKKLQNVVVMGRTNWESIPKKFKPLSNRINVILSRTLKKEDFDEDVYIINKVEDLIVLLGKLNYYK
CFILGGSVVYQEFLEKKLIKKIYFTRINSTYECDVFFPEINENEYQIISVSDVYTSNNTTLDFIIYKKTNNKMLNEQNCI
KGEEKNNDMPLKNDDKDTCHMKKLTEFYKNVDKYKINYENDDDDEEEDDFVYFNFNKEKEEKNKNSIHPNDFQIYNSLKY
KYHPEYQYLNIIYDIMMNGNKQSDRTGVGVLSKFGYIMKFDLSQYFPLLTTKKLFLRGIIEELLWFIRGETNGNTLLNKN
VRIWEANGTREFLDNRKLFHREVNDLGPIYGFQWRHFGAEYTNMYDNYENKGVDQLKNIINLIKNDPTSRRILLCAWNVK
DLDQMALPPCHILCQFYVFDGKLSCIMYQRSCDLGLGVPFNIASYSIFTHMIAQVCNLQPAQFIHVLGNAHVYNNHIDSL
KIQLNRIPYPFPTLKLNPDIKNIEDFTISDFTIQNYVHHEKISMDMAA
;
_entity_poly.pdbx_strand_id   A,B
#
# COMPACT_ATOMS: atom_id res chain seq x y z
N GLN A 4 13.71 -33.51 -19.66
CA GLN A 4 14.53 -32.44 -20.33
C GLN A 4 15.81 -32.18 -19.47
N VAL A 5 16.96 -32.23 -20.12
CA VAL A 5 18.30 -32.14 -19.49
C VAL A 5 18.43 -30.81 -18.72
N CYS A 6 17.90 -29.70 -19.23
CA CYS A 6 18.00 -28.37 -18.54
C CYS A 6 17.25 -28.40 -17.20
N ASP A 7 16.18 -29.20 -17.11
CA ASP A 7 15.36 -29.31 -15.88
C ASP A 7 16.07 -30.25 -14.90
N VAL A 8 16.66 -31.35 -15.39
CA VAL A 8 17.32 -32.33 -14.48
C VAL A 8 18.54 -31.66 -13.83
N PHE A 9 19.34 -30.99 -14.65
CA PHE A 9 20.66 -30.48 -14.20
C PHE A 9 20.61 -28.97 -13.89
N ASP A 10 19.45 -28.35 -14.05
CA ASP A 10 19.18 -26.95 -13.60
C ASP A 10 20.20 -26.01 -14.28
N ILE A 11 20.19 -26.04 -15.60
CA ILE A 11 21.09 -25.22 -16.44
C ILE A 11 20.36 -23.91 -16.77
N TYR A 12 21.02 -22.80 -16.47
CA TYR A 12 20.50 -21.41 -16.63
C TYR A 12 21.53 -20.62 -17.39
N ALA A 13 21.12 -19.55 -18.07
CA ALA A 13 22.03 -18.59 -18.70
C ALA A 13 21.91 -17.28 -17.92
N ILE A 14 23.03 -16.60 -17.74
CA ILE A 14 22.97 -15.21 -17.20
C ILE A 14 23.80 -14.32 -18.07
N CYS A 15 23.24 -13.17 -18.44
CA CYS A 15 23.90 -12.25 -19.39
C CYS A 15 23.55 -10.81 -19.07
N ALA A 16 24.33 -9.89 -19.60
CA ALA A 16 24.03 -8.44 -19.59
C ALA A 16 24.16 -7.89 -21.01
N CYS A 17 23.13 -7.19 -21.48
CA CYS A 17 23.05 -6.70 -22.88
C CYS A 17 22.74 -5.21 -22.90
N CYS A 18 23.53 -4.46 -23.64
CA CYS A 18 23.33 -3.01 -23.87
C CYS A 18 22.65 -2.81 -25.22
N LYS A 19 22.39 -1.56 -25.54
CA LYS A 19 21.87 -1.19 -26.88
C LYS A 19 23.07 -0.98 -27.79
N VAL A 20 22.85 -1.09 -29.10
CA VAL A 20 23.98 -1.11 -30.06
C VAL A 20 23.84 0.00 -31.11
N GLU A 21 24.95 0.63 -31.47
CA GLU A 21 25.06 1.60 -32.59
C GLU A 21 24.53 0.96 -33.88
N ASN A 29 12.37 8.42 -34.88
CA ASN A 29 11.27 7.40 -34.87
C ASN A 29 11.87 5.98 -34.79
N GLU A 30 12.81 5.73 -33.86
CA GLU A 30 13.38 4.38 -33.67
C GLU A 30 12.23 3.45 -33.23
N VAL A 31 12.16 2.23 -33.78
CA VAL A 31 11.27 1.14 -33.30
C VAL A 31 12.05 0.33 -32.25
N PHE A 32 11.41 0.00 -31.12
CA PHE A 32 12.02 -0.81 -30.04
C PHE A 32 11.33 -2.16 -29.96
N ASN A 33 12.09 -3.20 -29.60
CA ASN A 33 11.61 -4.56 -29.21
C ASN A 33 12.64 -5.21 -28.25
N ASN A 34 12.44 -6.45 -27.83
CA ASN A 34 13.35 -7.10 -26.83
C ASN A 34 14.76 -7.20 -27.42
N TYR A 35 14.87 -7.38 -28.76
CA TYR A 35 16.13 -7.44 -29.55
C TYR A 35 16.91 -6.12 -29.54
N THR A 36 16.33 -5.03 -29.02
CA THR A 36 17.02 -3.73 -28.79
C THR A 36 18.23 -3.96 -27.87
N PHE A 37 18.05 -4.83 -26.87
CA PHE A 37 19.08 -5.12 -25.84
C PHE A 37 19.77 -6.40 -26.32
N ARG A 38 20.90 -6.26 -26.99
CA ARG A 38 21.64 -7.44 -27.52
C ARG A 38 23.15 -7.24 -27.46
N GLY A 39 23.70 -6.07 -27.16
CA GLY A 39 25.16 -5.92 -27.15
C GLY A 39 25.79 -6.72 -25.99
N LEU A 40 26.74 -7.63 -26.28
CA LEU A 40 27.49 -8.41 -25.24
C LEU A 40 28.92 -7.93 -25.04
N GLY A 41 29.61 -7.62 -26.13
CA GLY A 41 31.07 -7.47 -26.09
C GLY A 41 31.60 -6.58 -27.17
N ASN A 42 32.82 -6.13 -26.94
CA ASN A 42 33.55 -5.36 -27.98
C ASN A 42 35.04 -5.67 -27.85
N LYS A 43 35.69 -6.12 -28.93
CA LYS A 43 37.16 -6.29 -28.96
C LYS A 43 37.55 -7.19 -27.80
N GLY A 44 36.83 -8.29 -27.59
CA GLY A 44 37.17 -9.32 -26.59
C GLY A 44 36.93 -8.92 -25.13
N VAL A 45 36.42 -7.71 -24.86
CA VAL A 45 36.06 -7.27 -23.47
C VAL A 45 34.61 -6.74 -23.46
N LEU A 46 34.17 -6.20 -22.33
CA LEU A 46 32.75 -5.75 -22.25
C LEU A 46 32.61 -4.43 -23.01
N PRO A 47 31.42 -4.08 -23.54
CA PRO A 47 31.24 -2.80 -24.22
C PRO A 47 31.32 -1.58 -23.29
N TRP A 48 31.09 -1.77 -21.99
CA TRP A 48 31.00 -0.67 -20.99
C TRP A 48 32.12 -0.87 -19.98
N LYS A 49 32.54 0.21 -19.33
CA LYS A 49 33.36 0.16 -18.09
C LYS A 49 32.40 -0.28 -16.96
N CYS A 50 32.92 -0.68 -15.82
CA CYS A 50 32.20 -1.31 -14.70
C CYS A 50 30.76 -0.79 -14.55
N ILE A 51 29.79 -1.68 -14.61
CA ILE A 51 28.45 -1.35 -14.05
C ILE A 51 28.34 -2.12 -12.76
N SER A 52 28.66 -1.48 -11.63
CA SER A 52 28.89 -2.20 -10.36
C SER A 52 27.61 -2.94 -9.92
N LEU A 53 26.42 -2.36 -10.14
CA LEU A 53 25.19 -3.01 -9.64
C LEU A 53 24.98 -4.34 -10.39
N ASP A 54 25.25 -4.41 -11.67
CA ASP A 54 25.11 -5.71 -12.40
C ASP A 54 26.18 -6.69 -11.90
N MET A 55 27.37 -6.22 -11.55
CA MET A 55 28.44 -7.08 -10.99
C MET A 55 27.91 -7.68 -9.70
N LYS A 56 27.26 -6.86 -8.88
CA LYS A 56 26.68 -7.29 -7.58
C LYS A 56 25.56 -8.31 -7.81
N TYR A 57 24.63 -8.03 -8.72
CA TYR A 57 23.54 -8.98 -9.03
C TYR A 57 24.16 -10.31 -9.50
N PHE A 58 25.08 -10.20 -10.46
CA PHE A 58 25.68 -11.40 -11.10
C PHE A 58 26.29 -12.31 -10.04
N ARG A 59 27.09 -11.75 -9.15
CA ARG A 59 27.70 -12.51 -8.04
C ARG A 59 26.63 -13.11 -7.15
N ALA A 60 25.56 -12.36 -6.81
CA ALA A 60 24.54 -12.89 -5.91
C ALA A 60 23.84 -14.07 -6.56
N VAL A 61 23.45 -13.97 -7.82
CA VAL A 61 22.73 -15.06 -8.54
C VAL A 61 23.67 -16.28 -8.68
N THR A 62 24.88 -16.08 -9.15
CA THR A 62 25.77 -17.22 -9.50
C THR A 62 26.37 -17.86 -8.24
N THR A 63 26.33 -17.21 -7.08
CA THR A 63 26.91 -17.79 -5.84
C THR A 63 25.82 -18.39 -4.96
N TYR A 64 24.57 -17.92 -5.06
CA TYR A 64 23.48 -18.33 -4.12
C TYR A 64 23.15 -19.82 -4.27
N VAL A 65 23.10 -20.47 -3.10
CA VAL A 65 22.68 -21.90 -3.02
C VAL A 65 21.70 -22.05 -1.86
N ASN A 66 20.83 -23.04 -1.97
CA ASN A 66 19.83 -23.36 -0.91
C ASN A 66 20.02 -24.84 -0.56
N GLU A 67 20.82 -25.09 0.47
CA GLU A 67 21.19 -26.45 0.96
C GLU A 67 19.93 -27.29 1.18
N SER A 68 18.86 -26.72 1.76
CA SER A 68 17.61 -27.47 2.07
C SER A 68 16.96 -27.98 0.78
N LYS A 69 17.11 -27.27 -0.34
CA LYS A 69 16.50 -27.70 -1.63
C LYS A 69 17.45 -28.66 -2.36
N TYR A 70 18.67 -28.90 -1.88
CA TYR A 70 19.64 -29.73 -2.62
C TYR A 70 19.14 -31.18 -2.67
N GLU A 71 18.61 -31.65 -1.55
CA GLU A 71 18.16 -33.06 -1.33
C GLU A 71 17.30 -33.50 -2.51
N LYS A 72 16.22 -32.77 -2.79
CA LYS A 72 15.30 -33.03 -3.92
C LYS A 72 16.12 -33.04 -5.22
N LEU A 73 17.10 -32.14 -5.39
CA LEU A 73 17.82 -32.05 -6.69
C LEU A 73 18.71 -33.28 -6.87
N LYS A 74 19.41 -33.69 -5.81
CA LYS A 74 20.27 -34.90 -5.85
C LYS A 74 19.38 -36.10 -6.20
N TYR A 75 18.24 -36.21 -5.50
CA TYR A 75 17.23 -37.26 -5.73
C TYR A 75 16.83 -37.28 -7.21
N LYS A 76 16.39 -36.14 -7.75
CA LYS A 76 15.94 -36.01 -9.16
C LYS A 76 17.04 -36.47 -10.12
N ARG A 77 18.31 -36.09 -9.87
CA ARG A 77 19.40 -36.39 -10.82
C ARG A 77 19.75 -37.89 -10.72
N CYS A 78 19.78 -38.43 -9.51
CA CYS A 78 20.00 -39.88 -9.24
C CYS A 78 18.93 -40.69 -9.99
N LYS A 79 17.66 -40.35 -9.76
CA LYS A 79 16.50 -40.98 -10.45
C LYS A 79 16.75 -40.95 -11.94
N TYR A 80 16.99 -39.77 -12.51
CA TYR A 80 17.21 -39.60 -13.96
C TYR A 80 18.36 -40.48 -14.46
N LEU A 81 19.42 -40.67 -13.67
CA LEU A 81 20.71 -41.30 -14.08
C LEU A 81 20.74 -42.80 -13.67
N ASN A 82 19.72 -43.27 -12.93
CA ASN A 82 19.54 -44.67 -12.48
C ASN A 82 20.55 -44.96 -11.37
N LYS A 83 20.41 -44.24 -10.24
CA LYS A 83 21.19 -44.42 -8.99
C LYS A 83 20.22 -44.44 -7.80
N LYS A 96 32.75 -29.90 1.30
CA LYS A 96 32.18 -29.04 2.38
C LYS A 96 30.97 -28.28 1.81
N LYS A 97 31.10 -27.01 1.43
CA LYS A 97 29.94 -26.12 1.14
C LYS A 97 29.45 -26.36 -0.30
N LEU A 98 28.14 -26.50 -0.44
CA LEU A 98 27.49 -26.70 -1.74
C LEU A 98 27.75 -25.47 -2.61
N GLN A 99 28.01 -25.64 -3.90
CA GLN A 99 28.37 -24.50 -4.78
C GLN A 99 27.58 -24.66 -6.08
N ASN A 100 27.46 -23.58 -6.83
CA ASN A 100 26.97 -23.65 -8.23
C ASN A 100 28.15 -23.96 -9.12
N VAL A 101 27.85 -24.48 -10.31
CA VAL A 101 28.78 -24.59 -11.44
C VAL A 101 28.58 -23.37 -12.35
N VAL A 102 29.66 -22.80 -12.85
CA VAL A 102 29.67 -21.72 -13.85
C VAL A 102 30.48 -22.21 -15.05
N VAL A 103 29.91 -22.04 -16.24
CA VAL A 103 30.50 -22.44 -17.54
C VAL A 103 30.78 -21.20 -18.39
N MET A 104 32.01 -21.11 -18.88
CA MET A 104 32.57 -20.02 -19.68
C MET A 104 33.19 -20.59 -20.96
N GLY A 105 32.94 -19.89 -22.07
CA GLY A 105 33.73 -20.00 -23.31
C GLY A 105 35.16 -19.60 -23.06
N ARG A 106 36.08 -20.17 -23.85
CA ARG A 106 37.52 -19.87 -23.65
C ARG A 106 37.76 -18.38 -23.82
N THR A 107 37.14 -17.76 -24.83
CA THR A 107 37.36 -16.32 -25.09
C THR A 107 36.89 -15.52 -23.87
N ASN A 108 35.70 -15.82 -23.35
CA ASN A 108 35.20 -15.19 -22.10
C ASN A 108 36.27 -15.34 -20.99
N TRP A 109 36.71 -16.58 -20.72
CA TRP A 109 37.68 -16.87 -19.65
C TRP A 109 38.90 -15.94 -19.77
N GLU A 110 39.46 -15.84 -20.97
CA GLU A 110 40.73 -15.08 -21.20
C GLU A 110 40.44 -13.59 -21.05
N SER A 111 39.18 -13.15 -21.09
CA SER A 111 38.81 -11.72 -20.93
C SER A 111 38.82 -11.34 -19.45
N ILE A 112 38.67 -12.30 -18.54
CA ILE A 112 38.54 -12.02 -17.09
C ILE A 112 39.93 -11.70 -16.52
N PRO A 113 40.07 -10.59 -15.74
CA PRO A 113 41.32 -10.26 -15.06
C PRO A 113 41.77 -11.41 -14.15
N LYS A 114 43.08 -11.64 -14.08
CA LYS A 114 43.65 -12.78 -13.32
C LYS A 114 43.13 -12.71 -11.88
N LYS A 115 43.03 -11.52 -11.30
CA LYS A 115 42.69 -11.46 -9.85
C LYS A 115 41.24 -11.91 -9.63
N PHE A 116 40.38 -12.03 -10.65
CA PHE A 116 38.97 -12.49 -10.46
C PHE A 116 38.80 -13.98 -10.76
N LYS A 117 39.86 -14.70 -11.12
CA LYS A 117 39.80 -16.07 -11.72
C LYS A 117 40.52 -17.01 -10.77
N PRO A 118 40.05 -18.26 -10.51
CA PRO A 118 38.72 -18.75 -10.91
C PRO A 118 37.66 -18.03 -10.06
N LEU A 119 36.44 -17.95 -10.59
CA LEU A 119 35.36 -17.18 -9.89
C LEU A 119 35.12 -17.79 -8.52
N SER A 120 35.21 -16.96 -7.47
CA SER A 120 35.23 -17.38 -6.06
C SER A 120 33.93 -18.12 -5.70
N ASN A 121 34.03 -19.21 -4.93
CA ASN A 121 32.86 -19.88 -4.31
C ASN A 121 31.97 -20.51 -5.42
N ARG A 122 32.53 -20.74 -6.60
CA ARG A 122 31.83 -21.39 -7.72
C ARG A 122 32.76 -22.47 -8.32
N ILE A 123 32.18 -23.54 -8.87
CA ILE A 123 32.91 -24.59 -9.62
C ILE A 123 33.04 -24.06 -11.03
N ASN A 124 34.26 -23.80 -11.45
CA ASN A 124 34.57 -23.13 -12.74
C ASN A 124 34.78 -24.21 -13.82
N VAL A 125 34.03 -24.07 -14.90
CA VAL A 125 34.14 -24.96 -16.08
C VAL A 125 34.40 -24.11 -17.33
N ILE A 126 35.45 -24.44 -18.12
CA ILE A 126 35.80 -23.74 -19.37
C ILE A 126 35.58 -24.69 -20.54
N LEU A 127 34.91 -24.20 -21.57
CA LEU A 127 34.81 -24.87 -22.89
C LEU A 127 35.94 -24.42 -23.79
N SER A 128 36.77 -25.36 -24.27
CA SER A 128 37.88 -25.07 -25.20
C SER A 128 38.19 -26.32 -26.02
N ARG A 129 38.56 -26.14 -27.28
CA ARG A 129 39.18 -27.21 -28.12
C ARG A 129 40.66 -26.92 -28.22
N THR A 130 41.07 -25.65 -28.29
CA THR A 130 42.48 -25.27 -28.51
C THR A 130 43.31 -25.41 -27.23
N LEU A 131 42.69 -25.31 -26.05
CA LEU A 131 43.43 -25.45 -24.76
C LEU A 131 42.92 -26.69 -24.03
N LYS A 132 43.82 -27.29 -23.26
CA LYS A 132 43.62 -28.50 -22.45
C LYS A 132 44.05 -28.21 -21.01
N LYS A 133 43.83 -29.14 -20.11
CA LYS A 133 44.04 -28.86 -18.69
C LYS A 133 45.49 -28.39 -18.46
N GLU A 134 46.48 -28.91 -19.22
CA GLU A 134 47.92 -28.56 -19.02
C GLU A 134 48.19 -27.07 -19.29
N ASP A 135 47.29 -26.39 -20.01
CA ASP A 135 47.41 -24.95 -20.35
C ASP A 135 46.88 -24.06 -19.20
N PHE A 136 46.34 -24.61 -18.11
CA PHE A 136 45.76 -23.79 -17.01
C PHE A 136 46.46 -24.07 -15.70
N ASP A 137 46.81 -23.03 -14.97
CA ASP A 137 47.33 -23.15 -13.58
C ASP A 137 46.16 -23.35 -12.61
N GLU A 138 44.95 -22.89 -12.97
CA GLU A 138 43.87 -22.59 -11.99
C GLU A 138 43.07 -23.86 -11.69
N ASP A 139 42.30 -23.81 -10.62
CA ASP A 139 41.33 -24.85 -10.20
C ASP A 139 40.11 -24.73 -11.11
N VAL A 140 40.20 -25.31 -12.29
CA VAL A 140 39.12 -25.25 -13.31
C VAL A 140 38.98 -26.62 -13.95
N TYR A 141 37.78 -26.93 -14.42
CA TYR A 141 37.54 -28.11 -15.28
C TYR A 141 37.57 -27.64 -16.72
N ILE A 142 38.26 -28.36 -17.60
CA ILE A 142 38.27 -28.05 -19.07
C ILE A 142 37.39 -29.10 -19.75
N ILE A 143 36.39 -28.69 -20.54
CA ILE A 143 35.53 -29.65 -21.31
C ILE A 143 35.59 -29.23 -22.78
N ASN A 144 35.57 -30.21 -23.69
CA ASN A 144 35.86 -29.94 -25.13
C ASN A 144 34.62 -30.16 -25.96
N LYS A 145 33.46 -30.39 -25.34
CA LYS A 145 32.16 -30.48 -26.06
C LYS A 145 31.03 -30.37 -25.06
N VAL A 146 29.87 -29.98 -25.55
CA VAL A 146 28.67 -29.73 -24.70
C VAL A 146 28.33 -31.04 -23.97
N GLU A 147 28.37 -32.19 -24.64
CA GLU A 147 27.93 -33.48 -24.03
C GLU A 147 28.73 -33.75 -22.76
N ASP A 148 30.01 -33.37 -22.72
CA ASP A 148 30.97 -33.63 -21.61
C ASP A 148 30.61 -32.77 -20.40
N LEU A 149 29.92 -31.66 -20.60
CA LEU A 149 29.39 -30.88 -19.46
C LEU A 149 28.34 -31.74 -18.80
N ILE A 150 27.44 -32.33 -19.59
CA ILE A 150 26.32 -33.09 -18.97
C ILE A 150 26.87 -34.30 -18.20
N VAL A 151 27.87 -34.97 -18.74
CA VAL A 151 28.57 -36.10 -18.06
C VAL A 151 29.16 -35.54 -16.75
N LEU A 152 29.84 -34.41 -16.84
CA LEU A 152 30.49 -33.79 -15.63
C LEU A 152 29.41 -33.48 -14.61
N LEU A 153 28.28 -32.88 -15.01
CA LEU A 153 27.23 -32.46 -14.06
C LEU A 153 26.67 -33.71 -13.36
N GLY A 154 26.63 -34.84 -14.06
CA GLY A 154 26.22 -36.13 -13.46
C GLY A 154 27.17 -36.58 -12.35
N LYS A 155 28.44 -36.16 -12.37
CA LYS A 155 29.46 -36.63 -11.39
C LYS A 155 29.60 -35.64 -10.24
N LEU A 156 29.12 -34.39 -10.36
CA LEU A 156 29.37 -33.38 -9.30
C LEU A 156 28.17 -33.24 -8.37
N ASN A 157 28.46 -32.87 -7.12
CA ASN A 157 27.54 -32.24 -6.15
C ASN A 157 27.57 -30.73 -6.40
N TYR A 158 26.46 -30.19 -6.89
CA TYR A 158 26.29 -28.75 -7.16
C TYR A 158 24.80 -28.39 -7.04
N TYR A 159 24.50 -27.12 -6.97
CA TYR A 159 23.12 -26.60 -6.77
C TYR A 159 22.57 -26.33 -8.14
N LYS A 160 23.03 -25.27 -8.81
CA LYS A 160 22.58 -24.91 -10.18
C LYS A 160 23.79 -24.72 -11.08
N CYS A 161 23.55 -24.79 -12.38
CA CYS A 161 24.60 -24.57 -13.39
C CYS A 161 24.28 -23.31 -14.20
N PHE A 162 25.16 -22.31 -14.15
CA PHE A 162 25.03 -21.03 -14.90
C PHE A 162 26.00 -20.98 -16.07
N ILE A 163 25.46 -20.81 -17.26
CA ILE A 163 26.22 -20.51 -18.48
C ILE A 163 26.51 -18.99 -18.47
N LEU A 164 27.79 -18.58 -18.54
CA LEU A 164 28.24 -17.18 -18.35
C LEU A 164 28.58 -16.49 -19.66
N GLY A 165 28.48 -17.17 -20.81
CA GLY A 165 28.81 -16.57 -22.10
C GLY A 165 30.18 -17.04 -22.54
N GLY A 166 30.69 -16.50 -23.66
CA GLY A 166 30.11 -15.41 -24.41
C GLY A 166 29.18 -15.88 -25.52
N SER A 167 29.16 -15.16 -26.65
CA SER A 167 28.05 -15.28 -27.64
C SER A 167 28.04 -16.68 -28.25
N VAL A 168 29.20 -17.26 -28.61
CA VAL A 168 29.25 -18.63 -29.18
C VAL A 168 28.59 -19.60 -28.19
N VAL A 169 28.96 -19.50 -26.91
CA VAL A 169 28.42 -20.41 -25.88
C VAL A 169 26.92 -20.21 -25.72
N TYR A 170 26.43 -18.97 -25.66
CA TYR A 170 24.98 -18.76 -25.48
C TYR A 170 24.27 -19.36 -26.70
N GLN A 171 24.77 -19.08 -27.91
CA GLN A 171 24.10 -19.49 -29.19
C GLN A 171 23.83 -21.00 -29.14
N GLU A 172 24.87 -21.78 -28.86
CA GLU A 172 24.80 -23.26 -28.92
C GLU A 172 23.92 -23.81 -27.81
N PHE A 173 23.93 -23.25 -26.59
CA PHE A 173 23.10 -23.77 -25.47
C PHE A 173 21.62 -23.44 -25.72
N LEU A 174 21.33 -22.24 -26.19
CA LEU A 174 19.94 -21.82 -26.53
C LEU A 174 19.45 -22.69 -27.69
N GLU A 175 20.29 -22.93 -28.70
CA GLU A 175 19.93 -23.74 -29.90
C GLU A 175 19.48 -25.13 -29.44
N LYS A 176 20.18 -25.74 -28.47
CA LYS A 176 19.90 -27.14 -28.03
C LYS A 176 18.87 -27.16 -26.91
N LYS A 177 18.21 -26.05 -26.61
CA LYS A 177 17.16 -26.00 -25.57
C LYS A 177 17.72 -26.52 -24.22
N LEU A 178 19.00 -26.22 -23.93
CA LEU A 178 19.68 -26.60 -22.66
C LEU A 178 19.57 -25.51 -21.58
N ILE A 179 18.72 -24.50 -21.78
CA ILE A 179 18.54 -23.38 -20.82
C ILE A 179 17.11 -23.38 -20.31
N LYS A 180 16.98 -23.48 -19.00
CA LYS A 180 15.69 -23.42 -18.29
C LYS A 180 15.20 -21.97 -18.19
N LYS A 181 16.06 -21.04 -17.75
CA LYS A 181 15.73 -19.61 -17.61
C LYS A 181 16.96 -18.81 -18.08
N ILE A 182 16.70 -17.61 -18.57
CA ILE A 182 17.72 -16.58 -18.87
C ILE A 182 17.53 -15.43 -17.89
N TYR A 183 18.54 -15.21 -17.05
CA TYR A 183 18.74 -14.01 -16.22
C TYR A 183 19.41 -12.95 -17.07
N PHE A 184 18.59 -11.98 -17.52
CA PHE A 184 18.95 -11.02 -18.58
C PHE A 184 18.98 -9.61 -17.98
N THR A 185 20.16 -8.98 -17.93
CA THR A 185 20.30 -7.59 -17.46
C THR A 185 20.10 -6.68 -18.67
N ARG A 186 19.16 -5.73 -18.59
CA ARG A 186 18.94 -4.78 -19.69
C ARG A 186 19.69 -3.50 -19.34
N ILE A 187 20.80 -3.26 -20.04
CA ILE A 187 21.71 -2.11 -19.81
C ILE A 187 21.22 -0.98 -20.72
N ASN A 188 20.59 0.05 -20.15
CA ASN A 188 19.84 1.02 -20.99
C ASN A 188 20.75 2.19 -21.43
N SER A 189 21.80 1.85 -22.17
CA SER A 189 22.76 2.80 -22.76
C SER A 189 23.40 2.10 -23.96
N THR A 190 23.97 2.90 -24.85
CA THR A 190 24.42 2.45 -26.17
C THR A 190 25.93 2.46 -26.17
N TYR A 191 26.53 1.36 -26.66
CA TYR A 191 28.01 1.23 -26.77
C TYR A 191 28.33 0.55 -28.10
N GLU A 192 29.57 0.74 -28.53
CA GLU A 192 30.13 0.01 -29.71
C GLU A 192 30.27 -1.45 -29.27
N CYS A 193 29.68 -2.35 -30.04
CA CYS A 193 29.70 -3.82 -29.80
C CYS A 193 30.13 -4.55 -31.08
N ASP A 194 30.83 -5.69 -30.94
CA ASP A 194 31.14 -6.58 -32.10
C ASP A 194 30.59 -8.00 -31.87
N VAL A 195 29.99 -8.27 -30.69
CA VAL A 195 29.34 -9.58 -30.43
C VAL A 195 28.05 -9.33 -29.68
N PHE A 196 27.08 -10.19 -29.96
CA PHE A 196 25.66 -9.93 -29.68
C PHE A 196 25.10 -11.18 -29.08
N PHE A 197 24.11 -11.02 -28.22
CA PHE A 197 23.31 -12.14 -27.70
C PHE A 197 22.42 -12.59 -28.82
N PRO A 198 22.16 -13.89 -28.94
CA PRO A 198 21.28 -14.39 -29.97
C PRO A 198 19.86 -13.86 -29.79
N GLU A 199 19.20 -13.64 -30.93
CA GLU A 199 17.75 -13.32 -30.95
C GLU A 199 17.03 -14.43 -30.18
N ILE A 200 16.31 -14.08 -29.13
CA ILE A 200 15.54 -15.04 -28.29
C ILE A 200 14.22 -15.34 -29.04
N ASN A 201 13.93 -16.61 -29.32
CA ASN A 201 12.66 -16.99 -29.99
C ASN A 201 11.50 -16.86 -28.98
N GLU A 202 10.52 -16.00 -29.28
CA GLU A 202 9.37 -15.68 -28.39
C GLU A 202 8.50 -16.92 -28.16
N ASN A 203 8.50 -17.90 -29.06
CA ASN A 203 7.68 -19.13 -28.86
C ASN A 203 8.40 -20.09 -27.93
N GLU A 204 9.72 -19.94 -27.75
CA GLU A 204 10.55 -20.87 -26.92
C GLU A 204 10.76 -20.28 -25.53
N TYR A 205 10.91 -18.95 -25.41
CA TYR A 205 11.18 -18.27 -24.11
C TYR A 205 10.19 -17.10 -23.91
N GLN A 206 9.65 -16.99 -22.72
CA GLN A 206 8.71 -15.91 -22.30
C GLN A 206 9.28 -15.17 -21.09
N ILE A 207 9.25 -13.84 -21.08
CA ILE A 207 9.53 -13.06 -19.84
C ILE A 207 8.51 -13.49 -18.77
N ILE A 208 8.96 -13.82 -17.56
CA ILE A 208 8.08 -14.21 -16.43
C ILE A 208 8.23 -13.23 -15.27
N SER A 209 9.33 -12.49 -15.19
CA SER A 209 9.57 -11.53 -14.08
C SER A 209 10.42 -10.35 -14.51
N VAL A 210 10.14 -9.21 -13.92
CA VAL A 210 10.83 -7.95 -14.23
C VAL A 210 11.12 -7.24 -12.91
N SER A 211 12.33 -6.73 -12.74
CA SER A 211 12.78 -6.12 -11.48
C SER A 211 12.39 -4.64 -11.43
N ASP A 212 12.74 -4.03 -10.32
CA ASP A 212 12.85 -2.56 -10.15
C ASP A 212 13.85 -2.00 -11.16
N VAL A 213 13.80 -0.70 -11.43
CA VAL A 213 14.75 0.03 -12.28
C VAL A 213 15.75 0.71 -11.37
N TYR A 214 17.02 0.64 -11.74
CA TYR A 214 18.14 1.20 -10.96
C TYR A 214 19.01 2.08 -11.83
N THR A 215 19.81 2.93 -11.20
CA THR A 215 20.92 3.68 -11.81
C THR A 215 22.23 3.11 -11.24
N SER A 216 23.19 2.83 -12.11
CA SER A 216 24.55 2.41 -11.69
C SER A 216 25.49 2.96 -12.74
N ASN A 217 26.51 3.69 -12.30
CA ASN A 217 27.59 4.21 -13.20
C ASN A 217 26.99 4.99 -14.37
N ASN A 218 26.03 5.86 -14.06
CA ASN A 218 25.42 6.80 -15.04
C ASN A 218 24.63 6.06 -16.13
N THR A 219 24.07 4.89 -15.84
CA THR A 219 23.07 4.28 -16.75
C THR A 219 21.92 3.74 -15.91
N THR A 220 20.74 3.68 -16.49
CA THR A 220 19.64 2.91 -15.86
C THR A 220 19.76 1.48 -16.37
N LEU A 221 19.24 0.55 -15.58
CA LEU A 221 19.22 -0.88 -15.94
C LEU A 221 18.11 -1.51 -15.14
N ASP A 222 17.66 -2.65 -15.60
CA ASP A 222 16.85 -3.60 -14.84
C ASP A 222 17.27 -5.02 -15.19
N PHE A 223 16.63 -5.94 -14.50
CA PHE A 223 16.89 -7.38 -14.52
C PHE A 223 15.59 -8.09 -14.85
N ILE A 224 15.56 -8.81 -15.95
CA ILE A 224 14.37 -9.64 -16.29
C ILE A 224 14.74 -11.11 -16.35
N ILE A 225 13.68 -11.94 -16.32
CA ILE A 225 13.82 -13.41 -16.29
C ILE A 225 12.93 -13.97 -17.41
N TYR A 226 13.58 -14.65 -18.36
CA TYR A 226 12.90 -15.46 -19.40
C TYR A 226 12.90 -16.92 -18.92
N LYS A 227 11.75 -17.57 -19.14
CA LYS A 227 11.50 -18.98 -18.81
C LYS A 227 11.19 -19.72 -20.10
N LYS A 228 11.77 -20.92 -20.26
CA LYS A 228 11.48 -21.86 -21.38
C LYS A 228 9.97 -22.07 -21.35
N THR A 229 9.29 -21.93 -22.50
CA THR A 229 7.79 -21.95 -22.57
C THR A 229 7.25 -23.37 -22.34
N GLU A 286 -0.62 -22.76 10.30
CA GLU A 286 -0.84 -21.31 10.03
C GLU A 286 -1.55 -21.14 8.68
N GLU A 287 -1.32 -22.04 7.70
CA GLU A 287 -1.94 -21.97 6.35
C GLU A 287 -3.47 -22.11 6.43
N ASP A 288 -3.98 -23.00 7.28
CA ASP A 288 -5.46 -23.14 7.46
C ASP A 288 -6.04 -21.82 8.02
N ASP A 289 -5.33 -21.16 8.94
CA ASP A 289 -5.81 -19.91 9.57
C ASP A 289 -6.00 -18.80 8.51
N PHE A 290 -5.11 -18.72 7.51
CA PHE A 290 -5.26 -17.82 6.34
C PHE A 290 -6.59 -18.10 5.66
N VAL A 291 -6.93 -19.37 5.47
CA VAL A 291 -8.21 -19.72 4.79
C VAL A 291 -9.41 -19.23 5.62
N TYR A 292 -9.38 -19.47 6.92
CA TYR A 292 -10.52 -19.15 7.81
C TYR A 292 -10.72 -17.63 7.74
N PHE A 293 -9.65 -16.85 7.98
CA PHE A 293 -9.74 -15.36 7.95
C PHE A 293 -10.27 -14.92 6.58
N ASN A 294 -10.10 -15.75 5.56
CA ASN A 294 -10.58 -15.45 4.19
C ASN A 294 -12.02 -15.91 3.94
N PHE A 295 -12.77 -16.28 4.97
CA PHE A 295 -14.13 -16.85 4.79
C PHE A 295 -15.11 -15.89 4.11
N ASN A 296 -14.83 -14.59 4.05
CA ASN A 296 -15.90 -13.64 3.62
C ASN A 296 -15.57 -12.94 2.28
N LYS A 297 -14.56 -13.38 1.51
CA LYS A 297 -14.10 -12.65 0.28
C LYS A 297 -15.12 -12.76 -0.87
N LYS A 304 -17.38 -8.79 -12.88
CA LYS A 304 -18.03 -7.64 -12.18
C LYS A 304 -18.30 -6.52 -13.19
N ASN A 305 -17.28 -6.22 -14.01
CA ASN A 305 -17.24 -5.02 -14.89
C ASN A 305 -17.20 -5.43 -16.38
N SER A 306 -17.59 -6.68 -16.71
CA SER A 306 -17.55 -7.25 -18.09
C SER A 306 -16.13 -7.18 -18.65
N ILE A 307 -15.12 -7.08 -17.79
CA ILE A 307 -13.68 -7.25 -18.16
C ILE A 307 -13.39 -8.75 -17.99
N HIS A 308 -12.84 -9.35 -19.03
CA HIS A 308 -12.43 -10.77 -19.11
C HIS A 308 -10.93 -10.81 -18.80
N PRO A 309 -10.47 -11.22 -17.59
CA PRO A 309 -9.03 -11.40 -17.32
C PRO A 309 -8.19 -12.20 -18.35
N ASN A 310 -8.77 -13.10 -19.16
CA ASN A 310 -8.09 -13.72 -20.34
C ASN A 310 -7.77 -12.65 -21.43
N ASP A 311 -8.42 -11.48 -21.39
CA ASP A 311 -7.96 -10.24 -22.08
C ASP A 311 -6.62 -9.74 -21.50
N PHE A 312 -6.14 -10.25 -20.35
CA PHE A 312 -4.87 -9.80 -19.70
C PHE A 312 -3.89 -10.96 -19.52
N GLN A 313 -3.78 -11.80 -20.54
CA GLN A 313 -3.00 -13.07 -20.47
C GLN A 313 -1.55 -12.79 -20.08
N ILE A 314 -0.87 -11.91 -20.81
CA ILE A 314 0.55 -11.62 -20.56
C ILE A 314 0.67 -10.94 -19.20
N TYR A 315 -0.20 -9.97 -18.90
CA TYR A 315 -0.13 -9.24 -17.62
C TYR A 315 -0.23 -10.23 -16.45
N ASN A 316 -1.15 -11.18 -16.55
CA ASN A 316 -1.48 -12.10 -15.42
C ASN A 316 -0.49 -13.27 -15.39
N SER A 317 0.26 -13.47 -16.47
CA SER A 317 1.30 -14.52 -16.63
C SER A 317 2.56 -14.19 -15.80
N LEU A 318 2.88 -12.91 -15.63
CA LEU A 318 4.13 -12.46 -14.96
C LEU A 318 4.09 -12.83 -13.50
N LYS A 319 5.19 -13.33 -12.96
CA LYS A 319 5.25 -13.70 -11.55
C LYS A 319 5.60 -12.45 -10.75
N TYR A 320 6.79 -11.90 -10.92
CA TYR A 320 7.27 -10.67 -10.24
C TYR A 320 7.16 -9.49 -11.21
N LYS A 321 6.34 -8.52 -10.82
CA LYS A 321 6.10 -7.26 -11.57
C LYS A 321 6.63 -6.12 -10.71
N TYR A 322 7.95 -6.02 -10.58
CA TYR A 322 8.59 -5.08 -9.64
C TYR A 322 8.97 -3.78 -10.32
N HIS A 323 8.83 -3.69 -11.64
CA HIS A 323 9.19 -2.45 -12.36
C HIS A 323 8.20 -1.36 -11.90
N PRO A 324 8.65 -0.12 -11.63
CA PRO A 324 7.77 0.91 -11.08
C PRO A 324 6.61 1.31 -12.01
N GLU A 325 6.72 1.04 -13.29
CA GLU A 325 5.58 1.29 -14.21
C GLU A 325 4.37 0.46 -13.75
N TYR A 326 4.55 -0.70 -13.08
CA TYR A 326 3.44 -1.53 -12.58
C TYR A 326 2.64 -0.80 -11.49
N GLN A 327 3.16 0.27 -10.88
CA GLN A 327 2.31 1.04 -9.92
C GLN A 327 1.15 1.65 -10.70
N TYR A 328 1.46 2.14 -11.89
CA TYR A 328 0.45 2.72 -12.80
C TYR A 328 -0.43 1.60 -13.36
N LEU A 329 0.19 0.60 -14.00
CA LEU A 329 -0.58 -0.47 -14.67
C LEU A 329 -1.45 -1.24 -13.70
N ASN A 330 -1.02 -1.40 -12.45
CA ASN A 330 -1.79 -2.13 -11.40
C ASN A 330 -3.02 -1.31 -11.01
N ILE A 331 -2.93 0.01 -10.99
CA ILE A 331 -4.09 0.86 -10.69
C ILE A 331 -5.10 0.73 -11.83
N ILE A 332 -4.63 0.70 -13.06
CA ILE A 332 -5.52 0.55 -14.25
C ILE A 332 -6.27 -0.76 -14.07
N TYR A 333 -5.54 -1.83 -13.76
CA TYR A 333 -6.12 -3.18 -13.62
C TYR A 333 -7.19 -3.16 -12.53
N ASP A 334 -6.85 -2.57 -11.38
CA ASP A 334 -7.74 -2.49 -10.22
C ASP A 334 -9.03 -1.74 -10.62
N ILE A 335 -8.92 -0.60 -11.31
CA ILE A 335 -10.14 0.16 -11.67
C ILE A 335 -10.98 -0.67 -12.63
N MET A 336 -10.36 -1.34 -13.58
CA MET A 336 -11.11 -2.18 -14.56
C MET A 336 -11.81 -3.33 -13.86
N MET A 337 -11.13 -4.05 -12.97
CA MET A 337 -11.72 -5.24 -12.30
C MET A 337 -12.72 -4.83 -11.19
N ASN A 338 -12.44 -3.75 -10.45
CA ASN A 338 -13.14 -3.39 -9.17
C ASN A 338 -13.80 -2.01 -9.24
N GLY A 339 -13.65 -1.27 -10.34
CA GLY A 339 -14.12 0.11 -10.47
C GLY A 339 -15.64 0.22 -10.37
N ASN A 340 -16.10 1.39 -10.00
CA ASN A 340 -17.53 1.76 -9.95
C ASN A 340 -17.92 2.41 -11.26
N LYS A 341 -19.01 1.95 -11.90
CA LYS A 341 -19.54 2.59 -13.13
C LYS A 341 -20.21 3.90 -12.78
N GLN A 342 -19.83 4.99 -13.42
CA GLN A 342 -20.41 6.32 -13.15
C GLN A 342 -20.52 7.07 -14.47
N SER A 343 -21.36 8.12 -14.45
CA SER A 343 -21.48 9.24 -15.41
C SER A 343 -20.40 10.33 -15.27
N ASP A 344 -20.40 11.17 -16.32
CA ASP A 344 -19.80 12.52 -16.56
C ASP A 344 -19.57 13.28 -15.26
N VAL A 348 -21.03 10.12 -20.93
CA VAL A 348 -19.64 9.54 -20.99
C VAL A 348 -19.41 8.67 -19.77
N GLY A 349 -19.14 7.38 -19.99
CA GLY A 349 -18.96 6.42 -18.89
C GLY A 349 -17.53 6.47 -18.33
N VAL A 350 -17.39 6.30 -17.03
CA VAL A 350 -16.08 5.93 -16.43
C VAL A 350 -16.28 4.74 -15.54
N LEU A 351 -15.15 4.11 -15.21
CA LEU A 351 -15.02 3.26 -14.04
C LEU A 351 -14.13 4.07 -13.07
N SER A 352 -14.52 4.16 -11.80
CA SER A 352 -13.76 4.98 -10.83
C SER A 352 -13.54 4.23 -9.53
N LYS A 353 -12.55 4.72 -8.78
CA LYS A 353 -12.17 4.33 -7.42
C LYS A 353 -11.54 5.59 -6.80
N PHE A 354 -11.34 5.56 -5.52
CA PHE A 354 -11.02 6.78 -4.76
C PHE A 354 -9.86 6.49 -3.81
N GLY A 355 -8.73 7.14 -4.01
CA GLY A 355 -7.56 7.07 -3.09
C GLY A 355 -6.54 6.05 -3.51
N TYR A 356 -5.47 6.48 -4.14
CA TYR A 356 -4.28 5.66 -4.45
C TYR A 356 -3.03 6.48 -4.14
N ILE A 357 -1.91 5.81 -3.99
CA ILE A 357 -0.60 6.49 -3.98
C ILE A 357 0.41 5.73 -4.83
N MET A 358 1.20 6.44 -5.61
CA MET A 358 2.33 5.91 -6.40
C MET A 358 3.57 6.64 -5.87
N LYS A 359 4.70 5.95 -5.84
CA LYS A 359 5.98 6.57 -5.43
C LYS A 359 7.03 6.22 -6.48
N PHE A 360 7.73 7.22 -6.99
CA PHE A 360 8.76 7.02 -8.02
C PHE A 360 10.08 7.54 -7.48
N ASP A 361 11.14 6.74 -7.59
CA ASP A 361 12.47 7.10 -7.07
C ASP A 361 13.26 7.82 -8.16
N LEU A 362 13.22 9.15 -8.13
CA LEU A 362 13.85 9.98 -9.18
C LEU A 362 15.39 9.90 -9.08
N SER A 363 15.95 9.44 -7.97
CA SER A 363 17.41 9.19 -7.89
C SER A 363 17.78 8.00 -8.79
N GLN A 364 16.83 7.12 -9.13
CA GLN A 364 17.11 5.86 -9.85
C GLN A 364 16.65 5.92 -11.30
N TYR A 365 15.70 6.78 -11.65
CA TYR A 365 15.13 6.75 -13.01
C TYR A 365 14.19 7.97 -13.17
N PHE A 366 13.90 8.27 -14.43
CA PHE A 366 12.85 9.23 -14.82
C PHE A 366 11.64 8.42 -15.26
N PRO A 367 10.49 8.50 -14.54
CA PRO A 367 9.36 7.61 -14.77
C PRO A 367 8.48 8.07 -15.93
N LEU A 368 9.04 8.12 -17.11
CA LEU A 368 8.25 8.26 -18.36
C LEU A 368 7.78 6.90 -18.80
N LEU A 369 6.47 6.67 -18.84
CA LEU A 369 5.92 5.35 -19.20
C LEU A 369 6.56 4.84 -20.48
N THR A 370 6.84 3.55 -20.51
CA THR A 370 7.49 2.86 -21.63
C THR A 370 6.47 1.98 -22.35
N THR A 371 5.27 1.76 -21.80
CA THR A 371 4.29 0.84 -22.43
C THR A 371 3.48 1.52 -23.54
N LYS A 372 3.73 2.78 -23.78
CA LYS A 372 3.26 3.53 -24.98
C LYS A 372 4.22 4.70 -25.09
N LYS A 373 4.19 5.38 -26.22
CA LYS A 373 5.09 6.52 -26.53
C LYS A 373 4.50 7.81 -25.96
N LEU A 374 5.30 8.51 -25.19
CA LEU A 374 4.97 9.85 -24.67
C LEU A 374 6.02 10.79 -25.23
N PHE A 375 5.66 12.06 -25.35
CA PHE A 375 6.56 13.19 -25.70
C PHE A 375 6.46 14.24 -24.58
N LEU A 376 7.54 14.93 -24.29
CA LEU A 376 7.61 15.86 -23.15
C LEU A 376 7.70 17.34 -23.56
N ARG A 377 7.88 17.68 -24.84
CA ARG A 377 8.10 19.10 -25.19
C ARG A 377 6.93 19.96 -24.64
N GLY A 378 5.69 19.56 -24.94
CA GLY A 378 4.46 20.26 -24.55
C GLY A 378 4.41 20.42 -23.03
N ILE A 379 4.65 19.35 -22.28
CA ILE A 379 4.45 19.46 -20.82
C ILE A 379 5.61 20.24 -20.22
N ILE A 380 6.80 20.28 -20.86
CA ILE A 380 7.88 21.16 -20.34
C ILE A 380 7.51 22.62 -20.65
N GLU A 381 7.00 22.94 -21.83
CA GLU A 381 6.57 24.33 -22.15
C GLU A 381 5.44 24.76 -21.18
N GLU A 382 4.53 23.85 -20.90
CA GLU A 382 3.40 24.11 -19.94
C GLU A 382 3.97 24.51 -18.59
N LEU A 383 4.94 23.77 -18.08
CA LEU A 383 5.54 24.02 -16.77
C LEU A 383 6.28 25.36 -16.79
N LEU A 384 7.00 25.67 -17.86
CA LEU A 384 7.71 26.96 -17.96
C LEU A 384 6.69 28.12 -17.97
N TRP A 385 5.60 27.97 -18.72
CA TRP A 385 4.46 28.93 -18.76
C TRP A 385 3.85 29.09 -17.36
N PHE A 386 3.68 28.00 -16.62
CA PHE A 386 3.18 28.08 -15.21
C PHE A 386 4.14 28.94 -14.41
N ILE A 387 5.44 28.65 -14.51
CA ILE A 387 6.44 29.30 -13.64
C ILE A 387 6.55 30.79 -14.02
N ARG A 388 6.32 31.16 -15.27
CA ARG A 388 6.32 32.59 -15.67
C ARG A 388 5.07 33.30 -15.09
N GLY A 389 4.12 32.54 -14.57
CA GLY A 389 2.85 33.08 -14.05
C GLY A 389 1.84 33.36 -15.17
N GLU A 390 2.05 32.87 -16.37
CA GLU A 390 1.18 33.17 -17.53
C GLU A 390 -0.18 32.46 -17.47
N THR A 391 -1.17 33.12 -18.07
CA THR A 391 -2.55 32.60 -18.20
C THR A 391 -3.03 32.74 -19.65
N ASN A 392 -2.16 33.20 -20.52
CA ASN A 392 -2.46 33.48 -21.96
C ASN A 392 -2.26 32.18 -22.74
N GLY A 393 -3.35 31.53 -23.09
CA GLY A 393 -3.40 30.31 -23.92
C GLY A 393 -2.67 30.49 -25.24
N ASN A 394 -2.60 31.72 -25.77
CA ASN A 394 -2.01 31.94 -27.13
C ASN A 394 -0.50 31.71 -27.04
N THR A 395 0.14 32.02 -25.90
CA THR A 395 1.56 31.74 -25.75
C THR A 395 1.86 30.27 -26.06
N LEU A 396 1.09 29.34 -25.52
CA LEU A 396 1.32 27.89 -25.78
C LEU A 396 0.96 27.56 -27.23
N LEU A 397 -0.18 28.07 -27.72
CA LEU A 397 -0.62 27.78 -29.10
C LEU A 397 0.44 28.23 -30.12
N ASN A 398 1.13 29.35 -29.88
CA ASN A 398 2.19 29.88 -30.75
C ASN A 398 3.44 28.98 -30.70
N LYS A 399 3.59 28.13 -29.68
CA LYS A 399 4.64 27.09 -29.58
C LYS A 399 4.11 25.75 -30.06
N ASN A 400 2.95 25.70 -30.69
CA ASN A 400 2.27 24.45 -31.17
C ASN A 400 2.09 23.48 -29.99
N VAL A 401 1.75 24.01 -28.81
CA VAL A 401 1.34 23.20 -27.64
C VAL A 401 -0.16 23.44 -27.47
N ARG A 402 -0.99 22.40 -27.59
CA ARG A 402 -2.48 22.52 -27.67
C ARG A 402 -3.17 22.00 -26.42
N ILE A 403 -2.43 21.77 -25.34
CA ILE A 403 -2.91 21.14 -24.09
C ILE A 403 -4.14 21.95 -23.61
N TRP A 404 -4.09 23.27 -23.67
CA TRP A 404 -5.16 24.15 -23.12
C TRP A 404 -6.11 24.68 -24.20
N GLU A 405 -5.92 24.28 -25.45
CA GLU A 405 -6.66 24.91 -26.57
C GLU A 405 -8.16 24.78 -26.31
N ALA A 406 -8.67 23.57 -26.06
CA ALA A 406 -10.12 23.30 -25.91
C ALA A 406 -10.73 24.10 -24.74
N ASN A 407 -9.94 24.41 -23.72
CA ASN A 407 -10.45 25.11 -22.51
C ASN A 407 -10.49 26.63 -22.72
N GLY A 408 -10.02 27.14 -23.87
CA GLY A 408 -9.96 28.57 -24.13
C GLY A 408 -10.92 29.00 -25.23
N THR A 409 -11.71 28.09 -25.78
CA THR A 409 -12.59 28.47 -26.91
C THR A 409 -13.72 29.36 -26.42
N ARG A 410 -14.28 30.15 -27.34
CA ARG A 410 -15.51 30.95 -27.08
C ARG A 410 -16.58 30.06 -26.45
N GLU A 411 -16.84 28.88 -27.03
CA GLU A 411 -17.93 27.98 -26.60
C GLU A 411 -17.63 27.48 -25.20
N PHE A 412 -16.37 27.05 -24.98
CA PHE A 412 -15.97 26.48 -23.66
C PHE A 412 -16.15 27.59 -22.62
N LEU A 413 -15.53 28.76 -22.85
CA LEU A 413 -15.66 29.91 -21.89
C LEU A 413 -17.12 30.29 -21.65
N ASP A 414 -17.97 30.35 -22.70
CA ASP A 414 -19.40 30.70 -22.50
C ASP A 414 -20.11 29.63 -21.68
N ASN A 415 -19.80 28.34 -21.87
CA ASN A 415 -20.44 27.25 -21.08
CA ASN A 415 -20.46 27.26 -21.08
C ASN A 415 -20.00 27.38 -19.62
N ARG A 416 -18.86 28.01 -19.37
CA ARG A 416 -18.38 28.31 -18.00
C ARG A 416 -19.03 29.61 -17.47
N LYS A 417 -19.89 30.28 -18.27
CA LYS A 417 -20.44 31.61 -17.94
C LYS A 417 -19.34 32.67 -17.91
N LEU A 418 -18.27 32.51 -18.67
CA LEU A 418 -17.20 33.54 -18.76
C LEU A 418 -17.41 34.31 -20.08
N PHE A 419 -18.53 35.01 -20.17
CA PHE A 419 -19.00 35.76 -21.37
C PHE A 419 -18.07 36.93 -21.60
N HIS A 420 -17.44 37.47 -20.55
CA HIS A 420 -16.58 38.68 -20.60
C HIS A 420 -15.10 38.31 -20.64
N ARG A 421 -14.77 37.07 -20.94
CA ARG A 421 -13.38 36.61 -21.06
C ARG A 421 -12.98 36.52 -22.53
N GLU A 422 -11.85 37.10 -22.88
CA GLU A 422 -11.29 36.93 -24.23
C GLU A 422 -10.97 35.44 -24.47
N VAL A 423 -11.16 35.00 -25.72
CA VAL A 423 -10.68 33.66 -26.16
C VAL A 423 -9.24 33.43 -25.71
N ASN A 424 -8.99 32.25 -25.18
CA ASN A 424 -7.67 31.75 -24.67
C ASN A 424 -7.20 32.53 -23.46
N ASP A 425 -8.06 33.36 -22.87
CA ASP A 425 -7.76 33.97 -21.53
C ASP A 425 -8.30 32.99 -20.50
N LEU A 426 -7.42 32.17 -19.97
CA LEU A 426 -7.80 31.00 -19.14
C LEU A 426 -8.15 31.43 -17.72
N GLY A 427 -7.93 32.69 -17.37
CA GLY A 427 -8.31 33.18 -16.03
C GLY A 427 -7.22 32.80 -15.03
N PRO A 428 -7.50 32.94 -13.73
CA PRO A 428 -6.46 32.79 -12.68
C PRO A 428 -6.16 31.31 -12.34
N ILE A 429 -5.62 30.61 -13.33
CA ILE A 429 -5.27 29.16 -13.25
C ILE A 429 -3.84 29.05 -12.67
N TYR A 430 -3.25 27.86 -12.74
CA TYR A 430 -2.01 27.47 -12.02
C TYR A 430 -1.00 28.61 -11.93
N GLY A 431 -0.53 29.13 -13.06
CA GLY A 431 0.59 30.09 -13.09
C GLY A 431 0.29 31.35 -12.28
N PHE A 432 -0.94 31.83 -12.40
CA PHE A 432 -1.42 33.00 -11.64
C PHE A 432 -1.42 32.71 -10.14
N GLN A 433 -1.91 31.51 -9.75
CA GLN A 433 -1.99 31.12 -8.32
C GLN A 433 -0.57 30.93 -7.80
N TRP A 434 0.31 30.31 -8.57
CA TRP A 434 1.70 30.06 -8.13
C TRP A 434 2.48 31.36 -7.87
N ARG A 435 2.23 32.42 -8.64
CA ARG A 435 3.02 33.68 -8.53
C ARG A 435 2.19 34.80 -7.89
N HIS A 436 0.85 34.71 -7.83
CA HIS A 436 -0.01 35.89 -7.51
C HIS A 436 -1.25 35.49 -6.72
N PHE A 437 -1.21 34.40 -5.95
CA PHE A 437 -2.38 33.93 -5.17
C PHE A 437 -2.97 35.10 -4.38
N GLY A 438 -4.26 35.35 -4.55
CA GLY A 438 -4.98 36.36 -3.76
C GLY A 438 -5.08 37.71 -4.46
N ALA A 439 -4.33 37.96 -5.53
CA ALA A 439 -4.44 39.14 -6.39
C ALA A 439 -5.74 39.04 -7.17
N GLU A 440 -6.32 40.20 -7.50
CA GLU A 440 -7.54 40.28 -8.33
C GLU A 440 -7.15 40.02 -9.79
N TYR A 441 -7.64 38.96 -10.36
CA TYR A 441 -7.33 38.70 -11.78
C TYR A 441 -8.05 39.82 -12.55
N THR A 442 -7.43 40.33 -13.60
CA THR A 442 -8.08 41.31 -14.51
C THR A 442 -8.18 40.66 -15.89
N ASN A 443 -7.06 40.53 -16.59
CA ASN A 443 -7.00 39.84 -17.90
C ASN A 443 -5.60 39.25 -18.05
N MET A 444 -5.39 38.51 -19.11
CA MET A 444 -4.13 37.76 -19.34
C MET A 444 -2.98 38.68 -19.69
N TYR A 445 -3.24 39.96 -20.04
CA TYR A 445 -2.18 40.88 -20.44
C TYR A 445 -1.68 41.73 -19.28
N ASP A 446 -2.33 41.71 -18.14
CA ASP A 446 -2.05 42.70 -17.09
C ASP A 446 -0.68 42.35 -16.51
N ASN A 447 -0.03 43.33 -15.93
CA ASN A 447 1.26 43.13 -15.24
C ASN A 447 0.94 42.99 -13.76
N TYR A 448 1.02 41.81 -13.18
CA TYR A 448 0.65 41.58 -11.76
C TYR A 448 1.88 41.67 -10.84
N GLU A 449 2.96 42.35 -11.26
CA GLU A 449 4.26 42.42 -10.50
C GLU A 449 3.95 42.84 -9.07
N ASN A 450 4.46 42.08 -8.11
CA ASN A 450 4.30 42.31 -6.65
C ASN A 450 2.82 42.29 -6.23
N LYS A 451 1.90 41.70 -7.00
CA LYS A 451 0.50 41.55 -6.52
C LYS A 451 0.32 40.09 -6.03
N GLY A 452 -0.34 39.93 -4.90
CA GLY A 452 -0.72 38.62 -4.34
C GLY A 452 0.52 37.89 -3.85
N VAL A 453 0.35 36.62 -3.50
CA VAL A 453 1.41 35.83 -2.83
C VAL A 453 2.20 35.05 -3.87
N ASP A 454 3.50 35.29 -3.89
CA ASP A 454 4.43 34.51 -4.74
C ASP A 454 4.78 33.21 -3.96
N GLN A 455 3.91 32.22 -4.01
CA GLN A 455 4.15 31.01 -3.17
C GLN A 455 5.31 30.23 -3.81
N LEU A 456 5.56 30.32 -5.11
CA LEU A 456 6.70 29.60 -5.71
C LEU A 456 8.03 30.11 -5.13
N LYS A 457 8.20 31.43 -5.09
CA LYS A 457 9.39 32.00 -4.43
C LYS A 457 9.40 31.61 -2.95
N ASN A 458 8.25 31.63 -2.28
CA ASN A 458 8.19 31.35 -0.82
C ASN A 458 8.63 29.89 -0.57
N ILE A 459 8.20 28.92 -1.38
CA ILE A 459 8.54 27.49 -1.09
C ILE A 459 10.03 27.29 -1.40
N ILE A 460 10.58 27.97 -2.37
CA ILE A 460 12.05 27.86 -2.66
C ILE A 460 12.82 28.39 -1.43
N ASN A 461 12.37 29.50 -0.83
CA ASN A 461 13.02 30.11 0.36
C ASN A 461 12.90 29.17 1.55
N LEU A 462 11.75 28.49 1.73
CA LEU A 462 11.58 27.54 2.86
C LEU A 462 12.51 26.35 2.67
N ILE A 463 12.60 25.79 1.46
CA ILE A 463 13.46 24.62 1.19
C ILE A 463 14.93 25.01 1.47
N LYS A 464 15.37 26.20 1.09
CA LYS A 464 16.77 26.67 1.32
C LYS A 464 16.99 26.99 2.78
N ASN A 465 16.09 27.70 3.43
CA ASN A 465 16.38 28.35 4.73
C ASN A 465 15.71 27.60 5.86
N ASP A 466 14.66 26.79 5.60
CA ASP A 466 13.97 26.12 6.73
C ASP A 466 13.53 24.73 6.26
N PRO A 467 14.49 23.87 5.84
CA PRO A 467 14.20 22.62 5.17
C PRO A 467 13.41 21.57 5.96
N THR A 468 13.36 21.66 7.29
CA THR A 468 12.55 20.76 8.14
C THR A 468 11.12 21.31 8.33
N SER A 469 10.79 22.47 7.76
CA SER A 469 9.40 23.00 7.76
C SER A 469 8.41 21.94 7.29
N ARG A 470 7.25 21.85 7.96
CA ARG A 470 6.10 21.04 7.48
C ARG A 470 5.07 21.90 6.75
N ARG A 471 5.47 23.12 6.36
CA ARG A 471 4.59 24.10 5.71
C ARG A 471 5.00 24.33 4.25
N ILE A 472 5.82 23.47 3.65
CA ILE A 472 6.35 23.79 2.32
C ILE A 472 5.34 23.25 1.29
N LEU A 473 4.29 24.01 1.09
CA LEU A 473 3.14 23.66 0.19
C LEU A 473 2.95 24.71 -0.87
N LEU A 474 2.64 24.27 -2.07
CA LEU A 474 2.33 25.13 -3.20
C LEU A 474 0.91 24.75 -3.64
N CYS A 475 -0.06 25.66 -3.59
CA CYS A 475 -1.50 25.28 -3.66
C CYS A 475 -2.14 26.03 -4.82
N ALA A 476 -2.70 25.31 -5.80
CA ALA A 476 -3.35 25.94 -6.97
C ALA A 476 -4.86 26.15 -6.74
N TRP A 477 -5.44 25.49 -5.74
CA TRP A 477 -6.90 25.49 -5.44
C TRP A 477 -7.26 26.71 -4.62
N ASN A 478 -7.50 27.79 -5.34
CA ASN A 478 -7.91 29.07 -4.76
C ASN A 478 -9.42 29.13 -4.83
N VAL A 479 -10.07 28.84 -3.71
CA VAL A 479 -11.54 28.69 -3.58
C VAL A 479 -12.23 29.94 -4.13
N LYS A 480 -11.67 31.11 -3.85
CA LYS A 480 -12.26 32.40 -4.25
C LYS A 480 -12.30 32.51 -5.77
N ASP A 481 -11.31 31.93 -6.46
CA ASP A 481 -11.07 32.20 -7.88
C ASP A 481 -11.59 31.08 -8.76
N LEU A 482 -12.06 29.97 -8.19
CA LEU A 482 -12.37 28.77 -8.98
C LEU A 482 -13.30 29.12 -10.17
N ASP A 483 -14.39 29.86 -9.96
CA ASP A 483 -15.42 30.04 -11.02
C ASP A 483 -14.85 30.97 -12.12
N GLN A 484 -13.77 31.72 -11.83
CA GLN A 484 -13.11 32.61 -12.83
C GLN A 484 -12.15 31.81 -13.73
N MET A 485 -11.75 30.63 -13.28
CA MET A 485 -10.81 29.77 -14.04
C MET A 485 -11.57 29.08 -15.19
N ALA A 486 -10.90 28.89 -16.32
CA ALA A 486 -11.44 28.06 -17.43
C ALA A 486 -11.85 26.69 -16.87
N LEU A 487 -11.00 26.08 -16.04
CA LEU A 487 -11.54 25.02 -15.16
C LEU A 487 -10.67 24.95 -13.90
N PRO A 488 -11.25 24.47 -12.81
CA PRO A 488 -10.57 24.36 -11.52
C PRO A 488 -9.40 23.38 -11.67
N PRO A 489 -8.30 23.55 -10.93
CA PRO A 489 -7.13 22.71 -11.14
C PRO A 489 -7.37 21.26 -10.71
N CYS A 490 -6.78 20.34 -11.45
CA CYS A 490 -6.78 18.91 -11.14
C CYS A 490 -5.68 18.66 -10.09
N HIS A 491 -4.56 19.36 -10.23
CA HIS A 491 -3.34 19.18 -9.41
C HIS A 491 -3.44 20.23 -8.32
N ILE A 492 -4.02 19.82 -7.20
CA ILE A 492 -4.47 20.68 -6.10
C ILE A 492 -3.22 21.33 -5.48
N LEU A 493 -2.25 20.52 -5.09
CA LEU A 493 -1.12 21.02 -4.26
C LEU A 493 0.12 20.15 -4.47
N CYS A 494 1.31 20.70 -4.18
CA CYS A 494 2.61 20.00 -4.08
C CYS A 494 3.10 20.28 -2.67
N GLN A 495 3.47 19.25 -1.94
CA GLN A 495 4.13 19.42 -0.63
C GLN A 495 5.56 18.89 -0.74
N PHE A 496 6.51 19.56 -0.09
CA PHE A 496 7.94 19.20 -0.17
C PHE A 496 8.43 18.73 1.19
N TYR A 497 9.49 17.91 1.10
CA TYR A 497 10.11 17.23 2.24
C TYR A 497 11.59 17.19 1.95
N VAL A 498 12.39 17.58 2.92
CA VAL A 498 13.86 17.63 2.73
C VAL A 498 14.48 16.78 3.83
N PHE A 499 15.31 15.82 3.43
CA PHE A 499 16.09 15.02 4.42
C PHE A 499 17.47 14.73 3.80
N ASP A 500 18.51 15.05 4.55
CA ASP A 500 19.89 14.63 4.20
C ASP A 500 20.24 15.12 2.80
N GLY A 501 19.84 16.35 2.43
CA GLY A 501 20.25 16.98 1.16
C GLY A 501 19.43 16.48 -0.02
N LYS A 502 18.28 15.87 0.25
CA LYS A 502 17.45 15.28 -0.82
C LYS A 502 16.03 15.83 -0.68
N LEU A 503 15.41 16.07 -1.82
CA LEU A 503 14.05 16.64 -1.93
C LEU A 503 13.07 15.62 -2.46
N SER A 504 11.98 15.42 -1.72
CA SER A 504 10.81 14.64 -2.19
C SER A 504 9.60 15.58 -2.31
N CYS A 505 8.65 15.17 -3.12
CA CYS A 505 7.48 15.99 -3.47
C CYS A 505 6.27 15.08 -3.48
N ILE A 506 5.18 15.50 -2.83
CA ILE A 506 3.86 14.82 -2.94
C ILE A 506 3.03 15.73 -3.81
N MET A 507 2.36 15.18 -4.82
CA MET A 507 1.33 15.99 -5.52
C MET A 507 -0.01 15.30 -5.31
N TYR A 508 -1.01 16.02 -4.82
CA TYR A 508 -2.38 15.54 -4.64
C TYR A 508 -3.24 15.94 -5.84
N GLN A 509 -3.81 14.95 -6.50
CA GLN A 509 -4.59 15.14 -7.74
C GLN A 509 -6.05 14.76 -7.45
N ARG A 510 -6.97 15.71 -7.53
CA ARG A 510 -8.41 15.49 -7.20
C ARG A 510 -9.11 14.62 -8.25
N SER A 511 -8.66 14.67 -9.48
CA SER A 511 -9.33 14.03 -10.62
C SER A 511 -8.26 13.55 -11.57
N CYS A 512 -8.27 12.27 -11.89
CA CYS A 512 -7.16 11.56 -12.54
C CYS A 512 -7.75 10.73 -13.68
N ASP A 513 -7.48 11.18 -14.89
CA ASP A 513 -7.79 10.46 -16.15
C ASP A 513 -6.64 9.46 -16.37
N LEU A 514 -6.82 8.21 -15.93
CA LEU A 514 -5.71 7.23 -15.86
C LEU A 514 -5.18 6.98 -17.26
N GLY A 515 -6.04 6.87 -18.28
CA GLY A 515 -5.59 6.53 -19.64
C GLY A 515 -4.84 7.64 -20.36
N LEU A 516 -5.23 8.90 -20.22
CA LEU A 516 -4.65 10.00 -21.01
C LEU A 516 -3.86 10.96 -20.15
N GLY A 517 -4.39 11.36 -19.01
CA GLY A 517 -3.79 12.48 -18.26
C GLY A 517 -2.67 11.99 -17.35
N VAL A 518 -2.91 10.92 -16.59
CA VAL A 518 -1.95 10.59 -15.49
C VAL A 518 -0.52 10.36 -16.03
N PRO A 519 -0.27 9.71 -17.18
CA PRO A 519 1.10 9.51 -17.66
C PRO A 519 1.86 10.82 -17.86
N PHE A 520 1.21 11.83 -18.42
CA PHE A 520 1.78 13.20 -18.50
C PHE A 520 1.99 13.82 -17.12
N ASN A 521 1.00 13.69 -16.22
CA ASN A 521 1.02 14.34 -14.89
C ASN A 521 2.20 13.78 -14.09
N ILE A 522 2.49 12.47 -14.18
CA ILE A 522 3.69 11.88 -13.51
C ILE A 522 4.94 12.61 -14.02
N ALA A 523 5.05 12.74 -15.34
CA ALA A 523 6.25 13.33 -15.99
C ALA A 523 6.35 14.82 -15.58
N SER A 524 5.22 15.57 -15.60
CA SER A 524 5.26 17.02 -15.25
CA SER A 524 5.22 17.02 -15.24
C SER A 524 5.83 17.23 -13.85
N TYR A 525 5.34 16.52 -12.84
CA TYR A 525 5.69 16.82 -11.43
C TYR A 525 7.06 16.21 -11.08
N SER A 526 7.46 15.17 -11.79
CA SER A 526 8.84 14.59 -11.75
C SER A 526 9.83 15.63 -12.28
N ILE A 527 9.55 16.25 -13.43
CA ILE A 527 10.44 17.35 -13.93
C ILE A 527 10.47 18.49 -12.92
N PHE A 528 9.32 18.89 -12.39
CA PHE A 528 9.24 20.04 -11.48
C PHE A 528 10.07 19.75 -10.22
N THR A 529 10.02 18.52 -9.71
CA THR A 529 10.82 18.15 -8.52
C THR A 529 12.32 18.36 -8.83
N HIS A 530 12.77 17.86 -9.98
CA HIS A 530 14.18 18.03 -10.44
C HIS A 530 14.55 19.53 -10.48
N MET A 531 13.65 20.37 -10.99
CA MET A 531 13.94 21.83 -11.16
C MET A 531 14.07 22.43 -9.78
N ILE A 532 13.13 22.14 -8.88
CA ILE A 532 13.15 22.73 -7.52
C ILE A 532 14.39 22.20 -6.79
N ALA A 533 14.70 20.91 -6.89
CA ALA A 533 15.90 20.35 -6.21
C ALA A 533 17.17 21.13 -6.64
N GLN A 534 17.36 21.28 -7.93
CA GLN A 534 18.60 21.88 -8.51
C GLN A 534 18.75 23.32 -8.07
N VAL A 535 17.68 24.11 -8.10
CA VAL A 535 17.76 25.56 -7.77
C VAL A 535 17.95 25.68 -6.26
N CYS A 536 17.68 24.63 -5.48
CA CYS A 536 17.87 24.66 -4.00
C CYS A 536 19.13 23.92 -3.57
N ASN A 537 19.95 23.47 -4.55
CA ASN A 537 21.23 22.74 -4.35
C ASN A 537 20.96 21.41 -3.65
N LEU A 538 19.86 20.72 -4.02
CA LEU A 538 19.50 19.43 -3.40
C LEU A 538 19.51 18.38 -4.49
N GLN A 539 19.50 17.11 -4.10
CA GLN A 539 19.29 15.99 -5.05
C GLN A 539 17.83 15.57 -5.00
N PRO A 540 17.20 15.24 -6.14
CA PRO A 540 15.84 14.70 -6.08
C PRO A 540 15.80 13.30 -5.47
N ALA A 541 14.78 13.02 -4.66
CA ALA A 541 14.55 11.69 -4.07
C ALA A 541 13.24 11.14 -4.65
N GLN A 542 12.10 11.29 -3.96
CA GLN A 542 10.83 10.65 -4.48
C GLN A 542 9.88 11.70 -5.00
N PHE A 543 9.17 11.36 -6.06
CA PHE A 543 7.90 11.96 -6.50
C PHE A 543 6.82 10.96 -6.09
N ILE A 544 5.90 11.44 -5.25
CA ILE A 544 4.79 10.73 -4.63
C ILE A 544 3.51 11.35 -5.20
N HIS A 545 2.72 10.52 -5.85
CA HIS A 545 1.49 10.93 -6.56
C HIS A 545 0.29 10.36 -5.80
N VAL A 546 -0.52 11.25 -5.21
CA VAL A 546 -1.77 10.85 -4.52
C VAL A 546 -2.96 11.10 -5.46
N LEU A 547 -3.72 10.06 -5.76
CA LEU A 547 -4.89 10.14 -6.66
C LEU A 547 -6.15 10.12 -5.80
N GLY A 548 -6.99 11.12 -5.96
CA GLY A 548 -8.30 11.18 -5.32
C GLY A 548 -9.28 10.41 -6.21
N ASN A 549 -10.05 11.11 -7.02
CA ASN A 549 -11.02 10.40 -7.94
C ASN A 549 -10.20 9.88 -9.12
N ALA A 550 -9.97 8.57 -9.17
CA ALA A 550 -9.10 7.91 -10.15
C ALA A 550 -10.02 7.19 -11.13
N HIS A 551 -10.10 7.61 -12.38
CA HIS A 551 -11.10 7.03 -13.31
C HIS A 551 -10.45 6.63 -14.64
N VAL A 552 -10.98 5.53 -15.20
CA VAL A 552 -10.73 5.08 -16.57
C VAL A 552 -12.00 5.36 -17.39
N TYR A 553 -11.89 6.14 -18.45
CA TYR A 553 -13.00 6.34 -19.43
C TYR A 553 -13.29 5.00 -20.10
N ASN A 554 -14.58 4.63 -20.15
CA ASN A 554 -15.04 3.42 -20.90
C ASN A 554 -14.45 3.41 -22.31
N ASN A 555 -14.25 4.55 -22.94
CA ASN A 555 -13.73 4.63 -24.32
C ASN A 555 -12.23 4.30 -24.39
N HIS A 556 -11.52 4.18 -23.25
CA HIS A 556 -10.06 3.85 -23.25
C HIS A 556 -9.83 2.37 -23.00
N ILE A 557 -10.85 1.62 -22.61
CA ILE A 557 -10.71 0.23 -22.08
C ILE A 557 -9.96 -0.66 -23.07
N ASP A 558 -10.34 -0.65 -24.34
CA ASP A 558 -9.74 -1.54 -25.36
C ASP A 558 -8.25 -1.19 -25.51
N SER A 559 -7.90 0.09 -25.67
CA SER A 559 -6.52 0.57 -25.75
C SER A 559 -5.73 0.17 -24.47
N LEU A 560 -6.34 0.22 -23.30
CA LEU A 560 -5.63 -0.04 -22.01
C LEU A 560 -5.40 -1.54 -21.82
N LYS A 561 -6.28 -2.40 -22.35
CA LYS A 561 -6.09 -3.87 -22.38
C LYS A 561 -4.88 -4.20 -23.24
N ILE A 562 -4.67 -3.48 -24.34
CA ILE A 562 -3.49 -3.63 -25.21
C ILE A 562 -2.25 -3.23 -24.38
N GLN A 563 -2.28 -2.08 -23.71
CA GLN A 563 -1.10 -1.53 -22.97
C GLN A 563 -0.74 -2.47 -21.81
N LEU A 564 -1.71 -2.95 -21.05
CA LEU A 564 -1.39 -3.74 -19.83
C LEU A 564 -0.68 -5.05 -20.21
N ASN A 565 -0.80 -5.51 -21.46
CA ASN A 565 -0.13 -6.75 -21.94
C ASN A 565 1.24 -6.45 -22.56
N ARG A 566 1.78 -5.24 -22.39
CA ARG A 566 3.11 -4.90 -22.88
C ARG A 566 4.02 -4.92 -21.64
N ILE A 567 5.27 -5.35 -21.80
CA ILE A 567 6.19 -5.40 -20.64
C ILE A 567 7.03 -4.12 -20.66
N PRO A 568 7.08 -3.37 -19.55
CA PRO A 568 7.82 -2.13 -19.50
C PRO A 568 9.29 -2.38 -19.85
N TYR A 569 9.96 -1.35 -20.36
CA TYR A 569 11.40 -1.29 -20.62
C TYR A 569 12.01 -0.51 -19.46
N PRO A 570 13.33 -0.62 -19.24
CA PRO A 570 13.99 0.21 -18.26
C PRO A 570 13.75 1.67 -18.64
N PHE A 571 13.49 2.47 -17.63
CA PHE A 571 13.12 3.89 -17.82
C PHE A 571 14.30 4.69 -18.36
N PRO A 572 14.01 5.87 -18.97
CA PRO A 572 15.03 6.84 -19.31
C PRO A 572 15.53 7.63 -18.13
N THR A 573 16.38 8.60 -18.44
CA THR A 573 16.96 9.55 -17.47
C THR A 573 16.69 10.95 -18.00
N LEU A 574 16.60 11.87 -17.06
CA LEU A 574 16.38 13.30 -17.37
C LEU A 574 17.67 14.01 -17.02
N LYS A 575 18.17 14.84 -17.93
CA LYS A 575 19.33 15.73 -17.67
C LYS A 575 18.89 17.20 -17.66
N LEU A 576 19.31 17.96 -16.64
CA LEU A 576 19.14 19.43 -16.58
C LEU A 576 20.49 20.13 -16.79
N ASN A 577 20.47 21.26 -17.47
CA ASN A 577 21.60 22.20 -17.47
C ASN A 577 21.94 22.60 -16.04
N PRO A 578 23.11 22.18 -15.50
CA PRO A 578 23.48 22.52 -14.13
C PRO A 578 23.73 24.01 -13.93
N ASP A 579 23.89 24.78 -15.00
CA ASP A 579 24.20 26.22 -14.87
C ASP A 579 22.94 26.95 -14.41
N ILE A 580 21.75 26.35 -14.53
CA ILE A 580 20.50 27.06 -14.12
C ILE A 580 20.39 27.05 -12.61
N LYS A 581 20.45 28.21 -11.98
CA LYS A 581 20.47 28.36 -10.51
C LYS A 581 19.18 28.98 -9.98
N ASN A 582 18.25 29.38 -10.82
CA ASN A 582 17.03 30.10 -10.36
C ASN A 582 15.84 29.51 -11.14
N ILE A 583 14.70 29.35 -10.44
CA ILE A 583 13.54 28.57 -11.00
C ILE A 583 13.07 29.22 -12.30
N GLU A 584 13.24 30.55 -12.41
CA GLU A 584 12.69 31.39 -13.51
C GLU A 584 13.61 31.32 -14.72
N ASP A 585 14.80 30.74 -14.60
CA ASP A 585 15.82 30.85 -15.69
C ASP A 585 15.84 29.62 -16.58
N PHE A 586 14.94 28.65 -16.43
CA PHE A 586 14.95 27.43 -17.28
C PHE A 586 14.33 27.77 -18.63
N THR A 587 14.84 27.19 -19.69
CA THR A 587 14.23 27.22 -21.04
C THR A 587 14.22 25.80 -21.59
N ILE A 588 13.54 25.59 -22.71
CA ILE A 588 13.25 24.24 -23.24
C ILE A 588 14.57 23.48 -23.52
N SER A 589 15.64 24.14 -23.95
CA SER A 589 16.88 23.42 -24.32
C SER A 589 17.69 23.02 -23.07
N ASP A 590 17.22 23.36 -21.86
CA ASP A 590 17.91 23.03 -20.60
C ASP A 590 17.53 21.64 -20.09
N PHE A 591 16.67 20.93 -20.83
CA PHE A 591 16.11 19.61 -20.50
C PHE A 591 16.45 18.61 -21.60
N THR A 592 17.03 17.46 -21.21
CA THR A 592 17.22 16.32 -22.12
C THR A 592 16.73 15.00 -21.50
N ILE A 593 15.93 14.25 -22.25
CA ILE A 593 15.47 12.88 -21.90
C ILE A 593 16.39 11.95 -22.69
N GLN A 594 17.12 11.08 -22.00
CA GLN A 594 18.13 10.17 -22.63
C GLN A 594 17.68 8.71 -22.49
N ASN A 595 17.90 7.89 -23.51
CA ASN A 595 17.72 6.42 -23.38
C ASN A 595 16.22 6.11 -23.16
N TYR A 596 15.33 6.90 -23.74
CA TYR A 596 13.89 6.52 -23.77
C TYR A 596 13.67 5.38 -24.74
N VAL A 597 13.35 4.22 -24.19
CA VAL A 597 12.98 2.98 -24.93
C VAL A 597 11.50 2.71 -24.67
N HIS A 598 10.68 2.54 -25.70
CA HIS A 598 9.21 2.50 -25.51
C HIS A 598 8.54 1.66 -26.57
N HIS A 599 7.39 1.13 -26.21
CA HIS A 599 6.44 0.46 -27.14
C HIS A 599 5.76 1.53 -28.03
N GLU A 600 5.05 1.13 -29.06
CA GLU A 600 4.61 2.15 -30.03
C GLU A 600 3.43 2.92 -29.43
N LYS A 601 3.20 4.11 -29.95
CA LYS A 601 2.11 5.00 -29.48
C LYS A 601 0.78 4.25 -29.60
N ILE A 602 -0.12 4.56 -28.67
CA ILE A 602 -1.52 4.08 -28.63
C ILE A 602 -2.42 5.31 -28.71
N SER A 603 -3.40 5.31 -29.62
CA SER A 603 -4.65 6.13 -29.53
C SER A 603 -5.54 5.54 -28.45
N MET A 604 -5.65 6.22 -27.33
CA MET A 604 -6.50 5.73 -26.21
C MET A 604 -7.97 5.58 -26.68
N ASP A 605 -8.45 6.54 -27.48
CA ASP A 605 -9.76 6.53 -28.17
C ASP A 605 -9.56 6.07 -29.63
N MET A 606 -10.19 5.00 -30.08
CA MET A 606 -9.98 4.47 -31.46
C MET A 606 -11.06 5.01 -32.43
N ALA A 607 -11.15 6.35 -32.52
CA ALA A 607 -12.06 7.14 -33.39
C ALA A 607 -13.51 6.80 -33.06
N GLN B 4 0.67 -32.58 24.91
CA GLN B 4 1.19 -33.58 23.91
C GLN B 4 0.01 -34.18 23.14
N VAL B 5 -1.04 -34.60 23.84
CA VAL B 5 -2.31 -35.19 23.32
C VAL B 5 -2.96 -34.24 22.29
N CYS B 6 -3.24 -32.98 22.69
CA CYS B 6 -3.97 -31.96 21.88
C CYS B 6 -3.23 -31.72 20.55
N ASP B 7 -1.90 -31.86 20.55
CA ASP B 7 -1.04 -31.72 19.33
C ASP B 7 -1.21 -32.95 18.44
N VAL B 8 -1.22 -34.17 19.00
CA VAL B 8 -1.30 -35.37 18.12
C VAL B 8 -2.71 -35.44 17.49
N PHE B 9 -3.79 -35.16 18.24
CA PHE B 9 -5.19 -35.31 17.74
C PHE B 9 -5.82 -33.95 17.30
N ASP B 10 -5.06 -32.84 17.29
CA ASP B 10 -5.50 -31.55 16.64
C ASP B 10 -6.88 -31.19 17.19
N ILE B 11 -6.91 -30.99 18.50
CA ILE B 11 -8.14 -30.69 19.26
C ILE B 11 -8.14 -29.18 19.56
N TYR B 12 -9.11 -28.52 18.96
CA TYR B 12 -9.33 -27.06 19.01
C TYR B 12 -10.69 -26.80 19.66
N ALA B 13 -10.80 -25.64 20.31
CA ALA B 13 -12.06 -25.07 20.81
C ALA B 13 -12.49 -23.99 19.82
N ILE B 14 -13.79 -23.93 19.48
CA ILE B 14 -14.38 -22.75 18.77
C ILE B 14 -15.58 -22.28 19.58
N CYS B 15 -15.55 -20.99 19.96
CA CYS B 15 -16.64 -20.31 20.70
C CYS B 15 -16.88 -18.89 20.17
N ALA B 16 -17.98 -18.31 20.63
CA ALA B 16 -18.34 -16.89 20.40
C ALA B 16 -18.73 -16.33 21.76
N CYS B 17 -18.06 -15.28 22.21
CA CYS B 17 -18.33 -14.66 23.52
C CYS B 17 -18.73 -13.21 23.38
N CYS B 18 -19.74 -12.79 24.13
CA CYS B 18 -20.23 -11.41 24.20
C CYS B 18 -19.75 -10.81 25.52
N LYS B 19 -20.16 -9.58 25.79
CA LYS B 19 -19.88 -8.90 27.07
C LYS B 19 -21.07 -9.14 27.99
N VAL B 20 -20.86 -9.00 29.30
CA VAL B 20 -21.87 -9.46 30.29
C VAL B 20 -22.45 -8.27 31.06
N GLU B 21 -23.76 -8.30 31.27
CA GLU B 21 -24.56 -7.27 31.99
C GLU B 21 -24.39 -7.44 33.50
N GLU B 30 -14.17 1.67 34.38
CA GLU B 30 -14.44 0.37 33.68
C GLU B 30 -13.11 -0.09 33.04
N VAL B 31 -12.51 -1.15 33.55
CA VAL B 31 -11.23 -1.73 33.05
C VAL B 31 -11.60 -2.87 32.11
N PHE B 32 -10.88 -3.01 30.99
CA PHE B 32 -11.09 -4.08 29.99
C PHE B 32 -9.83 -4.97 29.91
N ASN B 33 -10.06 -6.25 29.60
CA ASN B 33 -9.06 -7.33 29.33
C ASN B 33 -9.75 -8.38 28.47
N ASN B 34 -9.04 -9.43 28.03
CA ASN B 34 -9.61 -10.53 27.19
C ASN B 34 -10.92 -11.07 27.81
N TYR B 35 -10.97 -11.18 29.16
CA TYR B 35 -12.09 -11.77 29.93
C TYR B 35 -13.37 -10.89 29.87
N THR B 36 -13.27 -9.65 29.38
CA THR B 36 -14.43 -8.82 29.02
C THR B 36 -15.38 -9.65 28.16
N PHE B 37 -14.81 -10.45 27.24
CA PHE B 37 -15.57 -11.27 26.27
C PHE B 37 -15.67 -12.69 26.84
N ARG B 38 -16.77 -13.00 27.54
CA ARG B 38 -16.92 -14.32 28.23
C ARG B 38 -18.36 -14.86 28.15
N GLY B 39 -19.32 -14.10 27.66
CA GLY B 39 -20.72 -14.57 27.64
C GLY B 39 -20.95 -15.68 26.65
N LEU B 40 -21.38 -16.87 27.08
CA LEU B 40 -21.67 -18.01 26.15
C LEU B 40 -23.16 -18.22 25.96
N GLY B 41 -23.98 -18.14 27.01
CA GLY B 41 -25.38 -18.55 26.90
C GLY B 41 -26.31 -17.93 27.94
N ASN B 42 -27.61 -18.03 27.63
CA ASN B 42 -28.70 -17.63 28.53
C ASN B 42 -29.89 -18.58 28.35
N LYS B 43 -30.30 -19.20 29.47
CA LYS B 43 -31.53 -20.04 29.59
C LYS B 43 -31.50 -21.12 28.50
N GLY B 44 -30.35 -21.81 28.37
CA GLY B 44 -30.14 -22.95 27.48
C GLY B 44 -29.94 -22.58 26.03
N VAL B 45 -29.96 -21.29 25.68
CA VAL B 45 -29.74 -20.85 24.28
C VAL B 45 -28.66 -19.74 24.26
N LEU B 46 -28.38 -19.23 23.06
CA LEU B 46 -27.36 -18.17 22.84
C LEU B 46 -27.89 -16.85 23.39
N PRO B 47 -27.01 -15.99 23.99
CA PRO B 47 -27.43 -14.72 24.60
C PRO B 47 -28.00 -13.71 23.59
N TRP B 48 -27.61 -13.80 22.32
CA TRP B 48 -27.97 -12.84 21.25
C TRP B 48 -28.94 -13.46 20.27
N LYS B 49 -29.55 -12.61 19.43
CA LYS B 49 -30.73 -12.92 18.61
C LYS B 49 -30.31 -13.80 17.42
N CYS B 50 -29.13 -13.58 16.85
CA CYS B 50 -28.56 -14.40 15.73
C CYS B 50 -27.56 -13.54 14.96
N ILE B 51 -26.29 -13.91 14.95
CA ILE B 51 -25.22 -13.10 14.28
C ILE B 51 -24.72 -13.89 13.08
N SER B 52 -25.19 -13.51 11.89
CA SER B 52 -25.09 -14.36 10.69
C SER B 52 -23.63 -14.47 10.28
N LEU B 53 -22.81 -13.44 10.49
CA LEU B 53 -21.41 -13.55 10.04
C LEU B 53 -20.65 -14.60 10.88
N ASP B 54 -20.92 -14.67 12.18
CA ASP B 54 -20.25 -15.67 13.06
C ASP B 54 -20.76 -17.07 12.67
N MET B 55 -22.06 -17.19 12.36
CA MET B 55 -22.64 -18.46 11.82
C MET B 55 -21.85 -18.89 10.57
N LYS B 56 -21.60 -17.96 9.64
CA LYS B 56 -20.84 -18.24 8.39
C LYS B 56 -19.40 -18.64 8.72
N TYR B 57 -18.75 -17.94 9.64
CA TYR B 57 -17.35 -18.24 10.02
C TYR B 57 -17.29 -19.65 10.62
N PHE B 58 -18.14 -19.87 11.62
CA PHE B 58 -18.27 -21.15 12.35
C PHE B 58 -18.41 -22.32 11.35
N ARG B 59 -19.32 -22.20 10.37
CA ARG B 59 -19.57 -23.25 9.36
C ARG B 59 -18.31 -23.45 8.52
N ALA B 60 -17.67 -22.41 7.97
CA ALA B 60 -16.45 -22.54 7.15
C ALA B 60 -15.29 -23.16 7.97
N VAL B 61 -15.07 -22.75 9.23
CA VAL B 61 -13.93 -23.29 10.02
C VAL B 61 -14.17 -24.78 10.31
N THR B 62 -15.36 -25.13 10.79
CA THR B 62 -15.60 -26.48 11.37
C THR B 62 -15.79 -27.48 10.25
N THR B 63 -15.98 -27.04 9.00
CA THR B 63 -16.20 -27.98 7.86
C THR B 63 -14.96 -28.06 6.97
N TYR B 64 -14.07 -27.08 6.97
CA TYR B 64 -12.89 -27.08 6.07
C TYR B 64 -11.91 -28.23 6.40
N VAL B 65 -11.44 -28.90 5.37
CA VAL B 65 -10.39 -29.95 5.52
C VAL B 65 -9.49 -29.88 4.29
N ASN B 66 -8.22 -30.21 4.49
CA ASN B 66 -7.23 -30.24 3.40
C ASN B 66 -6.74 -31.69 3.27
N GLU B 67 -7.27 -32.40 2.25
CA GLU B 67 -6.93 -33.82 1.90
C GLU B 67 -5.42 -34.00 1.90
N SER B 68 -4.72 -33.12 1.18
CA SER B 68 -3.27 -33.20 0.88
C SER B 68 -2.43 -33.07 2.16
N LYS B 69 -3.01 -32.65 3.29
CA LYS B 69 -2.25 -32.44 4.57
C LYS B 69 -2.55 -33.56 5.59
N TYR B 70 -3.42 -34.52 5.24
CA TYR B 70 -3.87 -35.59 6.18
C TYR B 70 -2.72 -36.57 6.46
N GLU B 71 -1.96 -36.96 5.43
CA GLU B 71 -0.94 -38.04 5.54
C GLU B 71 -0.09 -37.79 6.79
N LYS B 72 0.40 -36.56 6.99
CA LYS B 72 1.30 -36.21 8.12
C LYS B 72 0.53 -36.39 9.45
N LEU B 73 -0.76 -36.02 9.48
CA LEU B 73 -1.64 -36.14 10.68
C LEU B 73 -1.86 -37.64 11.04
N LYS B 74 -2.29 -38.47 10.08
CA LYS B 74 -2.50 -39.94 10.28
C LYS B 74 -1.17 -40.59 10.74
N TYR B 75 -0.08 -40.27 10.03
CA TYR B 75 1.29 -40.74 10.33
C TYR B 75 1.61 -40.49 11.81
N LYS B 76 1.59 -39.21 12.23
CA LYS B 76 1.78 -38.75 13.63
C LYS B 76 0.90 -39.53 14.62
N ARG B 77 -0.37 -39.76 14.29
CA ARG B 77 -1.35 -40.36 15.23
C ARG B 77 -1.06 -41.89 15.39
N CYS B 78 -0.90 -42.58 14.26
CA CYS B 78 -0.43 -44.00 14.19
C CYS B 78 0.87 -44.20 14.98
N LYS B 79 1.94 -43.45 14.67
CA LYS B 79 3.22 -43.50 15.44
C LYS B 79 2.91 -43.36 16.93
N TYR B 80 2.15 -42.33 17.31
CA TYR B 80 1.77 -42.07 18.73
C TYR B 80 1.13 -43.32 19.37
N LEU B 81 0.23 -43.99 18.64
CA LEU B 81 -0.60 -45.13 19.15
C LEU B 81 0.11 -46.47 18.93
N ASN B 82 1.35 -46.46 18.42
CA ASN B 82 2.17 -47.69 18.24
C ASN B 82 1.43 -48.59 17.23
N LYS B 83 1.03 -48.01 16.10
CA LYS B 83 0.25 -48.68 15.01
C LYS B 83 0.92 -48.35 13.69
N GLU B 84 0.44 -48.93 12.59
CA GLU B 84 0.90 -48.61 11.22
C GLU B 84 -0.28 -48.15 10.36
N THR B 85 -1.53 -48.39 10.78
CA THR B 85 -2.76 -47.91 10.11
C THR B 85 -3.77 -47.46 11.18
N VAL B 86 -4.73 -46.63 10.80
CA VAL B 86 -5.79 -46.09 11.71
C VAL B 86 -6.62 -47.27 12.26
N ASP B 87 -7.18 -48.12 11.39
CA ASP B 87 -8.04 -49.27 11.80
C ASP B 87 -7.18 -50.44 12.35
N ASN B 88 -5.85 -50.45 12.11
CA ASN B 88 -4.88 -51.43 12.70
C ASN B 88 -5.00 -52.75 11.91
N LYS B 97 -14.32 -39.98 2.55
CA LYS B 97 -14.31 -38.51 2.36
C LYS B 97 -13.92 -37.83 3.70
N LEU B 98 -12.72 -37.26 3.77
CA LEU B 98 -12.16 -36.68 5.02
C LEU B 98 -13.08 -35.58 5.56
N GLN B 99 -13.47 -35.67 6.83
CA GLN B 99 -14.28 -34.65 7.55
C GLN B 99 -13.58 -34.33 8.87
N ASN B 100 -14.07 -33.30 9.52
CA ASN B 100 -13.65 -32.89 10.88
C ASN B 100 -14.60 -33.57 11.86
N VAL B 101 -14.14 -33.74 13.08
CA VAL B 101 -15.00 -34.14 14.21
C VAL B 101 -15.45 -32.87 14.92
N VAL B 102 -16.72 -32.83 15.31
CA VAL B 102 -17.26 -31.78 16.23
C VAL B 102 -17.87 -32.44 17.48
N VAL B 103 -17.48 -31.94 18.66
CA VAL B 103 -17.85 -32.46 20.01
C VAL B 103 -18.78 -31.47 20.73
N MET B 104 -19.99 -31.92 21.10
CA MET B 104 -21.01 -31.06 21.78
C MET B 104 -21.42 -31.66 23.14
N GLY B 105 -21.57 -30.80 24.15
CA GLY B 105 -22.32 -31.08 25.40
C GLY B 105 -23.74 -31.54 25.09
N ARG B 106 -24.34 -32.32 25.98
CA ARG B 106 -25.73 -32.79 25.73
C ARG B 106 -26.64 -31.56 25.70
N THR B 107 -26.48 -30.62 26.63
CA THR B 107 -27.33 -29.38 26.68
C THR B 107 -27.12 -28.65 25.35
N ASN B 108 -25.85 -28.46 24.95
CA ASN B 108 -25.51 -27.87 23.64
C ASN B 108 -26.30 -28.61 22.55
N TRP B 109 -26.09 -29.94 22.46
CA TRP B 109 -26.75 -30.78 21.44
C TRP B 109 -28.27 -30.57 21.48
N GLU B 110 -28.89 -30.59 22.66
CA GLU B 110 -30.37 -30.54 22.79
C GLU B 110 -30.89 -29.11 22.64
N SER B 111 -30.01 -28.10 22.47
CA SER B 111 -30.39 -26.70 22.14
C SER B 111 -30.40 -26.48 20.62
N ILE B 112 -29.72 -27.33 19.85
CA ILE B 112 -29.69 -27.21 18.36
C ILE B 112 -31.05 -27.69 17.85
N PRO B 113 -31.70 -26.99 16.90
CA PRO B 113 -32.90 -27.52 16.24
C PRO B 113 -32.61 -28.73 15.34
N LYS B 114 -33.65 -29.53 15.07
CA LYS B 114 -33.61 -30.81 14.30
C LYS B 114 -33.02 -30.62 12.91
N LYS B 115 -33.56 -29.69 12.13
CA LYS B 115 -33.20 -29.48 10.70
C LYS B 115 -31.68 -29.26 10.55
N PHE B 116 -31.01 -28.72 11.57
CA PHE B 116 -29.55 -28.42 11.57
C PHE B 116 -28.74 -29.57 12.20
N LYS B 117 -29.40 -30.56 12.82
CA LYS B 117 -28.76 -31.78 13.40
C LYS B 117 -28.96 -32.98 12.49
N PRO B 118 -27.96 -33.89 12.33
CA PRO B 118 -26.61 -33.66 12.84
C PRO B 118 -25.94 -32.61 11.94
N LEU B 119 -24.90 -31.91 12.43
CA LEU B 119 -24.24 -30.82 11.67
C LEU B 119 -23.64 -31.41 10.39
N SER B 120 -24.01 -30.89 9.22
CA SER B 120 -23.63 -31.47 7.90
C SER B 120 -22.11 -31.56 7.75
N ASN B 121 -21.65 -32.60 7.03
CA ASN B 121 -20.26 -32.83 6.57
C ASN B 121 -19.27 -32.85 7.74
N ARG B 122 -19.77 -33.03 8.97
CA ARG B 122 -18.93 -33.26 10.17
C ARG B 122 -19.32 -34.57 10.89
N ILE B 123 -18.33 -35.24 11.45
CA ILE B 123 -18.50 -36.34 12.43
C ILE B 123 -19.00 -35.73 13.74
N ASN B 124 -20.26 -35.94 14.06
CA ASN B 124 -20.89 -35.43 15.30
C ASN B 124 -20.62 -36.36 16.48
N VAL B 125 -20.00 -35.86 17.54
CA VAL B 125 -19.81 -36.53 18.85
C VAL B 125 -20.58 -35.75 19.91
N ILE B 126 -21.26 -36.44 20.84
CA ILE B 126 -21.99 -35.79 21.97
C ILE B 126 -21.48 -36.40 23.28
N LEU B 127 -20.86 -35.61 24.17
CA LEU B 127 -20.64 -36.01 25.59
C LEU B 127 -21.99 -36.06 26.33
N SER B 128 -22.29 -37.21 26.97
CA SER B 128 -23.53 -37.50 27.73
C SER B 128 -23.24 -38.67 28.69
N ARG B 129 -23.49 -38.50 29.98
CA ARG B 129 -23.44 -39.61 30.96
C ARG B 129 -24.77 -40.36 30.94
N THR B 130 -25.87 -39.65 30.64
CA THR B 130 -27.27 -40.12 30.89
C THR B 130 -27.95 -40.61 29.60
N LEU B 131 -27.38 -40.36 28.40
CA LEU B 131 -27.95 -40.91 27.15
C LEU B 131 -26.95 -41.94 26.58
N LYS B 132 -27.40 -42.77 25.63
CA LYS B 132 -26.60 -43.85 25.00
C LYS B 132 -26.98 -43.99 23.52
N LYS B 133 -26.17 -44.73 22.75
CA LYS B 133 -26.17 -44.79 21.26
C LYS B 133 -27.55 -45.27 20.77
N GLU B 134 -28.33 -45.96 21.63
CA GLU B 134 -29.72 -46.41 21.36
C GLU B 134 -30.63 -45.18 21.24
N ASP B 135 -30.56 -44.25 22.21
CA ASP B 135 -31.34 -42.99 22.24
C ASP B 135 -31.12 -42.19 20.94
N PHE B 136 -29.93 -42.33 20.30
CA PHE B 136 -29.52 -41.62 19.06
C PHE B 136 -29.33 -42.64 17.92
N ASP B 137 -28.77 -42.20 16.78
CA ASP B 137 -28.97 -42.85 15.45
C ASP B 137 -27.64 -42.96 14.69
N GLU B 138 -27.73 -43.22 13.37
CA GLU B 138 -26.74 -42.89 12.29
C GLU B 138 -25.30 -43.28 12.69
N ASP B 139 -24.32 -42.43 12.36
CA ASP B 139 -22.88 -42.55 12.73
C ASP B 139 -22.52 -41.49 13.80
N VAL B 140 -23.54 -40.87 14.41
CA VAL B 140 -23.37 -39.87 15.51
C VAL B 140 -23.03 -40.65 16.79
N TYR B 141 -21.81 -40.42 17.28
CA TYR B 141 -21.23 -41.14 18.42
C TYR B 141 -21.69 -40.46 19.70
N ILE B 142 -22.15 -41.25 20.68
CA ILE B 142 -22.23 -40.81 22.09
C ILE B 142 -20.96 -41.29 22.77
N ILE B 143 -20.42 -40.48 23.67
CA ILE B 143 -19.30 -40.85 24.59
C ILE B 143 -19.67 -40.28 25.96
N ASN B 144 -19.12 -40.82 27.05
CA ASN B 144 -19.57 -40.55 28.44
C ASN B 144 -18.38 -40.19 29.35
N LYS B 145 -17.18 -40.23 28.77
CA LYS B 145 -15.94 -39.71 29.38
C LYS B 145 -15.13 -39.04 28.27
N VAL B 146 -14.22 -38.16 28.66
CA VAL B 146 -13.38 -37.38 27.73
C VAL B 146 -12.35 -38.35 27.12
N GLU B 147 -11.89 -39.32 27.92
CA GLU B 147 -10.92 -40.33 27.43
C GLU B 147 -11.53 -41.13 26.28
N ASP B 148 -12.86 -41.32 26.27
CA ASP B 148 -13.58 -42.04 25.18
C ASP B 148 -13.45 -41.25 23.86
N LEU B 149 -13.30 -39.93 23.93
CA LEU B 149 -13.06 -39.14 22.69
C LEU B 149 -11.68 -39.51 22.13
N ILE B 150 -10.64 -39.51 22.97
CA ILE B 150 -9.26 -39.79 22.52
C ILE B 150 -9.23 -41.18 21.85
N VAL B 151 -9.85 -42.22 22.46
CA VAL B 151 -9.82 -43.59 21.86
C VAL B 151 -10.59 -43.52 20.54
N LEU B 152 -11.73 -42.81 20.49
CA LEU B 152 -12.54 -42.69 19.24
C LEU B 152 -11.72 -42.02 18.14
N LEU B 153 -10.89 -41.02 18.49
CA LEU B 153 -10.09 -40.22 17.52
C LEU B 153 -8.97 -41.11 16.97
N GLY B 154 -8.30 -41.84 17.86
CA GLY B 154 -7.38 -42.95 17.54
C GLY B 154 -7.95 -43.91 16.49
N LYS B 155 -9.27 -44.13 16.50
CA LYS B 155 -9.93 -45.11 15.59
C LYS B 155 -10.60 -44.44 14.39
N LEU B 156 -10.55 -43.11 14.23
CA LEU B 156 -11.23 -42.45 13.07
C LEU B 156 -10.19 -41.84 12.12
N ASN B 157 -10.54 -41.82 10.83
CA ASN B 157 -9.98 -40.85 9.85
C ASN B 157 -10.77 -39.54 9.96
N TYR B 158 -10.12 -38.48 10.41
CA TYR B 158 -10.70 -37.11 10.52
C TYR B 158 -9.54 -36.12 10.38
N TYR B 159 -9.85 -34.89 9.96
CA TYR B 159 -8.87 -33.80 9.73
C TYR B 159 -8.53 -33.13 11.07
N LYS B 160 -9.49 -32.38 11.63
CA LYS B 160 -9.31 -31.76 12.98
C LYS B 160 -10.54 -32.06 13.84
N CYS B 161 -10.36 -31.92 15.14
CA CYS B 161 -11.41 -32.10 16.15
C CYS B 161 -11.75 -30.74 16.77
N PHE B 162 -12.99 -30.28 16.61
CA PHE B 162 -13.48 -28.99 17.18
C PHE B 162 -14.46 -29.22 18.31
N ILE B 163 -14.12 -28.72 19.50
CA ILE B 163 -15.01 -28.64 20.70
C ILE B 163 -15.97 -27.44 20.54
N LEU B 164 -17.27 -27.69 20.33
CA LEU B 164 -18.30 -26.65 20.02
C LEU B 164 -18.93 -26.15 21.30
N GLY B 165 -18.45 -26.68 22.43
CA GLY B 165 -18.75 -26.24 23.80
C GLY B 165 -20.04 -26.81 24.34
N GLY B 166 -20.80 -25.89 24.92
CA GLY B 166 -21.23 -25.90 26.31
C GLY B 166 -20.10 -25.38 27.19
N SER B 167 -20.43 -24.47 28.10
CA SER B 167 -19.55 -23.97 29.20
C SER B 167 -18.90 -25.17 29.90
N VAL B 168 -19.70 -26.18 30.20
CA VAL B 168 -19.21 -27.35 31.00
C VAL B 168 -18.13 -28.05 30.17
N VAL B 169 -18.43 -28.33 28.90
CA VAL B 169 -17.49 -28.99 27.95
C VAL B 169 -16.20 -28.16 27.82
N TYR B 170 -16.25 -26.84 27.53
CA TYR B 170 -15.01 -26.03 27.39
C TYR B 170 -14.24 -26.11 28.71
N GLN B 171 -14.96 -25.98 29.84
CA GLN B 171 -14.34 -25.93 31.18
C GLN B 171 -13.42 -27.15 31.34
N GLU B 172 -13.94 -28.37 31.16
CA GLU B 172 -13.18 -29.62 31.43
C GLU B 172 -12.06 -29.82 30.39
N PHE B 173 -12.30 -29.56 29.10
CA PHE B 173 -11.27 -29.73 28.04
C PHE B 173 -10.10 -28.78 28.29
N LEU B 174 -10.37 -27.62 28.88
CA LEU B 174 -9.31 -26.61 29.15
C LEU B 174 -8.51 -27.01 30.40
N GLU B 175 -9.18 -27.39 31.49
CA GLU B 175 -8.54 -28.00 32.68
C GLU B 175 -7.59 -29.12 32.25
N LYS B 176 -8.15 -30.15 31.61
CA LYS B 176 -7.41 -31.36 31.13
C LYS B 176 -6.39 -30.97 30.04
N LYS B 177 -6.19 -29.66 29.78
CA LYS B 177 -5.12 -29.18 28.86
C LYS B 177 -5.21 -29.87 27.49
N LEU B 178 -6.43 -30.07 26.98
CA LEU B 178 -6.70 -30.85 25.74
C LEU B 178 -6.97 -29.95 24.53
N ILE B 179 -6.68 -28.65 24.62
CA ILE B 179 -6.99 -27.66 23.55
C ILE B 179 -5.67 -27.12 23.03
N LYS B 180 -5.42 -27.32 21.74
CA LYS B 180 -4.23 -26.79 21.02
C LYS B 180 -4.43 -25.33 20.57
N LYS B 181 -5.61 -24.98 20.09
CA LYS B 181 -5.92 -23.57 19.71
C LYS B 181 -7.35 -23.22 20.11
N ILE B 182 -7.61 -21.93 20.39
CA ILE B 182 -9.01 -21.42 20.61
C ILE B 182 -9.35 -20.45 19.47
N TYR B 183 -10.37 -20.76 18.66
CA TYR B 183 -10.98 -19.89 17.64
C TYR B 183 -12.09 -19.11 18.36
N PHE B 184 -11.78 -17.88 18.76
CA PHE B 184 -12.62 -17.09 19.67
C PHE B 184 -13.26 -15.92 18.91
N THR B 185 -14.59 -15.88 18.81
CA THR B 185 -15.30 -14.73 18.19
C THR B 185 -15.59 -13.74 19.31
N ARG B 186 -15.14 -12.49 19.16
CA ARG B 186 -15.47 -11.40 20.11
C ARG B 186 -16.69 -10.63 19.61
N ILE B 187 -17.81 -10.81 20.29
CA ILE B 187 -19.11 -10.17 19.97
C ILE B 187 -19.10 -8.91 20.80
N ASN B 188 -18.89 -7.76 20.15
CA ASN B 188 -18.72 -6.49 20.90
C ASN B 188 -20.10 -5.87 21.18
N SER B 189 -20.92 -6.57 21.98
CA SER B 189 -22.18 -6.05 22.59
C SER B 189 -22.50 -6.87 23.84
N THR B 190 -23.41 -6.35 24.67
CA THR B 190 -23.66 -6.83 26.05
C THR B 190 -24.99 -7.54 26.06
N TYR B 191 -25.05 -8.72 26.65
CA TYR B 191 -26.30 -9.50 26.73
C TYR B 191 -26.39 -10.10 28.14
N GLU B 192 -27.62 -10.37 28.59
CA GLU B 192 -27.88 -11.19 29.79
C GLU B 192 -27.30 -12.57 29.49
N CYS B 193 -26.41 -13.07 30.34
CA CYS B 193 -25.83 -14.44 30.26
C CYS B 193 -25.98 -15.17 31.61
N ASP B 194 -26.16 -16.49 31.58
CA ASP B 194 -26.09 -17.36 32.79
C ASP B 194 -24.89 -18.31 32.72
N VAL B 195 -24.26 -18.47 31.55
CA VAL B 195 -23.00 -19.26 31.41
C VAL B 195 -21.95 -18.46 30.63
N PHE B 196 -20.68 -18.81 30.92
CA PHE B 196 -19.46 -18.04 30.66
C PHE B 196 -18.34 -19.00 30.23
N PHE B 197 -17.47 -18.52 29.36
CA PHE B 197 -16.23 -19.22 28.92
C PHE B 197 -15.22 -19.06 30.05
N PRO B 198 -14.32 -20.04 30.29
CA PRO B 198 -13.32 -19.92 31.35
C PRO B 198 -12.35 -18.79 31.07
N GLU B 199 -11.81 -18.18 32.12
CA GLU B 199 -10.77 -17.14 32.00
C GLU B 199 -9.56 -17.80 31.34
N ILE B 200 -9.17 -17.36 30.15
CA ILE B 200 -7.99 -17.95 29.45
C ILE B 200 -6.75 -17.35 30.12
N ASN B 201 -5.95 -18.18 30.79
CA ASN B 201 -4.72 -17.73 31.49
C ASN B 201 -3.68 -17.34 30.42
N GLU B 202 -3.16 -16.12 30.52
CA GLU B 202 -2.15 -15.49 29.63
C GLU B 202 -0.88 -16.36 29.53
N ASN B 203 -0.48 -17.04 30.61
CA ASN B 203 0.75 -17.89 30.63
C ASN B 203 0.51 -19.14 29.77
N GLU B 204 -0.73 -19.64 29.70
CA GLU B 204 -1.06 -20.94 29.04
C GLU B 204 -1.48 -20.73 27.57
N TYR B 205 -2.15 -19.62 27.22
CA TYR B 205 -2.53 -19.32 25.81
C TYR B 205 -2.07 -17.91 25.42
N GLN B 206 -1.70 -17.72 24.16
CA GLN B 206 -1.39 -16.37 23.60
C GLN B 206 -2.12 -16.18 22.26
N ILE B 207 -2.60 -14.96 22.00
CA ILE B 207 -3.20 -14.60 20.68
C ILE B 207 -2.09 -14.62 19.62
N ILE B 208 -2.32 -15.28 18.49
CA ILE B 208 -1.36 -15.28 17.36
C ILE B 208 -1.95 -14.57 16.14
N SER B 209 -3.25 -14.36 16.07
CA SER B 209 -3.86 -13.77 14.86
C SER B 209 -5.18 -13.08 15.22
N VAL B 210 -5.46 -11.98 14.53
CA VAL B 210 -6.66 -11.12 14.77
C VAL B 210 -7.20 -10.70 13.42
N SER B 211 -8.51 -10.76 13.22
CA SER B 211 -9.11 -10.52 11.90
C SER B 211 -9.39 -9.01 11.72
N ASP B 212 -9.89 -8.68 10.55
CA ASP B 212 -10.69 -7.48 10.27
C ASP B 212 -11.89 -7.36 11.21
N VAL B 213 -12.40 -6.14 11.34
CA VAL B 213 -13.57 -5.85 12.21
C VAL B 213 -14.76 -5.74 11.25
N TYR B 214 -15.87 -6.35 11.65
CA TYR B 214 -17.10 -6.43 10.87
C TYR B 214 -18.27 -5.93 11.70
N THR B 215 -19.32 -5.57 11.01
CA THR B 215 -20.67 -5.41 11.57
C THR B 215 -21.57 -6.53 11.01
N SER B 216 -22.36 -7.13 11.88
CA SER B 216 -23.36 -8.17 11.55
C SER B 216 -24.47 -8.00 12.57
N ASN B 217 -25.70 -7.82 12.09
CA ASN B 217 -26.88 -7.82 12.98
C ASN B 217 -26.68 -6.86 14.15
N ASN B 218 -26.29 -5.63 13.84
CA ASN B 218 -26.29 -4.52 14.81
C ASN B 218 -25.19 -4.60 15.87
N THR B 219 -24.13 -5.34 15.63
CA THR B 219 -22.98 -5.38 16.56
C THR B 219 -21.70 -5.43 15.73
N THR B 220 -20.61 -4.88 16.27
CA THR B 220 -19.30 -5.19 15.68
C THR B 220 -18.84 -6.50 16.31
N LEU B 221 -17.91 -7.12 15.65
CA LEU B 221 -17.29 -8.38 16.12
C LEU B 221 -16.01 -8.55 15.35
N ASP B 222 -15.13 -9.35 15.91
CA ASP B 222 -13.93 -9.83 15.20
C ASP B 222 -13.70 -11.29 15.64
N PHE B 223 -12.69 -11.88 15.03
CA PHE B 223 -12.27 -13.29 15.17
C PHE B 223 -10.81 -13.28 15.54
N ILE B 224 -10.48 -13.81 16.71
CA ILE B 224 -9.05 -13.96 17.09
C ILE B 224 -8.74 -15.46 17.27
N ILE B 225 -7.46 -15.79 17.27
CA ILE B 225 -6.96 -17.19 17.36
C ILE B 225 -5.94 -17.26 18.52
N TYR B 226 -6.22 -18.06 19.55
CA TYR B 226 -5.23 -18.30 20.62
C TYR B 226 -4.51 -19.61 20.29
N LYS B 227 -3.21 -19.66 20.62
CA LYS B 227 -2.37 -20.88 20.54
C LYS B 227 -1.84 -21.21 21.93
N LYS B 228 -1.90 -22.49 22.35
CA LYS B 228 -1.12 -23.05 23.49
C LYS B 228 0.34 -22.60 23.33
N THR B 229 0.92 -22.02 24.38
CA THR B 229 2.25 -21.35 24.34
C THR B 229 3.40 -22.36 24.52
N ASP B 283 6.77 -26.31 -7.07
CA ASP B 283 7.23 -25.14 -7.87
C ASP B 283 7.85 -24.09 -6.94
N ASP B 284 9.06 -24.39 -6.43
CA ASP B 284 9.94 -23.45 -5.69
C ASP B 284 11.03 -22.94 -6.65
N GLU B 285 10.75 -23.00 -7.96
CA GLU B 285 11.60 -22.44 -9.04
C GLU B 285 11.62 -20.91 -8.87
N GLU B 286 10.41 -20.33 -8.73
CA GLU B 286 10.23 -18.86 -8.60
C GLU B 286 10.63 -18.43 -7.18
N GLU B 287 10.92 -19.35 -6.25
CA GLU B 287 11.38 -19.01 -4.87
C GLU B 287 12.80 -18.44 -4.88
N ASP B 288 13.74 -19.02 -5.64
CA ASP B 288 15.09 -18.42 -5.70
C ASP B 288 15.01 -17.06 -6.44
N ASP B 289 14.18 -16.94 -7.49
CA ASP B 289 14.08 -15.68 -8.25
C ASP B 289 13.74 -14.55 -7.29
N PHE B 290 12.89 -14.82 -6.29
CA PHE B 290 12.56 -13.82 -5.24
C PHE B 290 13.84 -13.39 -4.51
N VAL B 291 14.72 -14.32 -4.18
CA VAL B 291 16.01 -13.99 -3.47
C VAL B 291 16.88 -13.13 -4.39
N TYR B 292 16.92 -13.45 -5.67
CA TYR B 292 17.74 -12.68 -6.62
C TYR B 292 17.23 -11.24 -6.70
N PHE B 293 15.90 -11.04 -6.85
CA PHE B 293 15.34 -9.68 -7.01
C PHE B 293 15.59 -8.89 -5.73
N ASN B 294 15.83 -9.56 -4.61
CA ASN B 294 16.15 -8.91 -3.33
C ASN B 294 17.64 -8.63 -3.10
N PHE B 295 18.53 -8.84 -4.08
CA PHE B 295 19.99 -8.74 -3.89
C PHE B 295 20.46 -7.37 -3.39
N ASN B 296 19.68 -6.32 -3.58
CA ASN B 296 20.14 -4.96 -3.19
C ASN B 296 19.52 -4.50 -1.86
N LYS B 297 18.75 -5.33 -1.14
CA LYS B 297 18.12 -4.89 0.13
C LYS B 297 19.20 -4.71 1.22
N GLU B 298 19.00 -3.83 2.21
CA GLU B 298 20.08 -3.43 3.18
C GLU B 298 20.59 -4.66 3.95
N ASN B 303 18.27 -1.69 7.93
CA ASN B 303 17.19 -1.38 8.91
C ASN B 303 17.66 -0.31 9.91
N LYS B 304 17.53 0.98 9.54
CA LYS B 304 18.23 2.22 10.07
C LYS B 304 18.44 2.22 11.60
N ASN B 305 17.34 2.30 12.38
CA ASN B 305 17.28 2.98 13.71
C ASN B 305 17.48 1.96 14.84
N SER B 306 18.05 2.43 15.98
CA SER B 306 18.39 1.66 17.22
C SER B 306 17.14 1.51 18.12
N ILE B 307 16.03 1.09 17.52
CA ILE B 307 14.86 0.49 18.19
C ILE B 307 15.20 -1.01 18.24
N HIS B 308 14.79 -1.74 19.30
CA HIS B 308 15.28 -3.13 19.54
C HIS B 308 14.25 -4.19 19.13
N PRO B 309 14.67 -5.47 18.93
CA PRO B 309 13.81 -6.52 18.40
C PRO B 309 12.83 -6.96 19.50
N ASN B 310 13.39 -7.52 20.58
CA ASN B 310 12.69 -7.96 21.81
C ASN B 310 11.67 -6.91 22.23
N ASP B 311 11.89 -5.64 21.89
CA ASP B 311 11.05 -4.52 22.35
C ASP B 311 9.64 -4.60 21.71
N PHE B 312 9.50 -5.19 20.52
CA PHE B 312 8.16 -5.39 19.87
C PHE B 312 7.76 -6.86 19.83
N GLN B 313 7.95 -7.61 20.92
CA GLN B 313 7.88 -9.08 20.88
C GLN B 313 6.45 -9.48 20.53
N ILE B 314 5.47 -8.93 21.25
CA ILE B 314 4.05 -9.26 21.04
C ILE B 314 3.67 -8.86 19.61
N TYR B 315 4.05 -7.66 19.17
CA TYR B 315 3.70 -7.14 17.82
C TYR B 315 4.26 -8.08 16.76
N ASN B 316 5.52 -8.46 16.93
CA ASN B 316 6.23 -9.28 15.93
C ASN B 316 5.79 -10.74 16.03
N SER B 317 5.22 -11.16 17.17
CA SER B 317 4.74 -12.54 17.40
C SER B 317 3.51 -12.82 16.52
N LEU B 318 2.67 -11.84 16.23
CA LEU B 318 1.35 -12.14 15.63
C LEU B 318 1.61 -12.59 14.19
N LYS B 319 0.89 -13.58 13.68
CA LYS B 319 1.01 -14.00 12.27
C LYS B 319 0.13 -13.12 11.38
N TYR B 320 -1.18 -13.08 11.62
CA TYR B 320 -2.17 -12.30 10.85
C TYR B 320 -2.64 -11.12 11.70
N LYS B 321 -2.34 -9.92 11.21
CA LYS B 321 -2.68 -8.64 11.88
C LYS B 321 -3.66 -7.89 10.99
N TYR B 322 -4.89 -8.38 10.84
CA TYR B 322 -5.86 -7.85 9.86
C TYR B 322 -6.75 -6.76 10.50
N HIS B 323 -6.70 -6.57 11.79
CA HIS B 323 -7.54 -5.57 12.47
C HIS B 323 -7.15 -4.21 11.91
N PRO B 324 -8.12 -3.34 11.55
CA PRO B 324 -7.80 -2.07 10.87
C PRO B 324 -6.97 -1.11 11.71
N GLU B 325 -6.92 -1.30 13.02
CA GLU B 325 -6.02 -0.49 13.89
C GLU B 325 -4.56 -0.70 13.46
N TYR B 326 -4.23 -1.84 12.84
CA TYR B 326 -2.84 -2.07 12.39
C TYR B 326 -2.49 -1.10 11.25
N GLN B 327 -3.45 -0.49 10.57
CA GLN B 327 -3.01 0.52 9.59
C GLN B 327 -2.29 1.65 10.33
N TYR B 328 -2.75 2.00 11.51
CA TYR B 328 -2.09 3.07 12.31
C TYR B 328 -0.79 2.47 12.89
N LEU B 329 -0.88 1.33 13.57
CA LEU B 329 0.24 0.76 14.36
C LEU B 329 1.37 0.39 13.42
N ASN B 330 1.05 -0.09 12.21
CA ASN B 330 2.10 -0.46 11.21
C ASN B 330 2.86 0.80 10.76
N ILE B 331 2.22 1.95 10.67
CA ILE B 331 2.91 3.21 10.30
C ILE B 331 3.87 3.61 11.45
N ILE B 332 3.43 3.55 12.70
CA ILE B 332 4.31 3.85 13.88
C ILE B 332 5.55 2.94 13.76
N TYR B 333 5.34 1.66 13.48
CA TYR B 333 6.45 0.67 13.37
C TYR B 333 7.40 1.06 12.26
N ASP B 334 6.85 1.36 11.08
CA ASP B 334 7.62 1.80 9.91
C ASP B 334 8.48 3.03 10.23
N ILE B 335 7.88 4.03 10.84
CA ILE B 335 8.63 5.26 11.19
C ILE B 335 9.72 4.93 12.24
N MET B 336 9.40 4.16 13.23
CA MET B 336 10.43 3.84 14.25
C MET B 336 11.60 3.09 13.60
N MET B 337 11.31 2.15 12.71
CA MET B 337 12.33 1.24 12.12
C MET B 337 13.08 1.93 10.98
N ASN B 338 12.38 2.70 10.16
CA ASN B 338 12.93 3.25 8.89
C ASN B 338 12.93 4.78 8.87
N GLY B 339 12.40 5.46 9.90
CA GLY B 339 12.23 6.92 9.86
C GLY B 339 13.55 7.69 9.83
N ASN B 340 13.49 8.93 9.37
CA ASN B 340 14.64 9.85 9.27
C ASN B 340 14.72 10.68 10.54
N LYS B 341 15.90 10.71 11.16
CA LYS B 341 16.09 11.58 12.33
C LYS B 341 16.17 13.05 11.88
N GLN B 342 15.28 13.88 12.42
CA GLN B 342 15.27 15.32 12.12
C GLN B 342 15.05 16.08 13.43
N SER B 343 15.40 17.37 13.45
CA SER B 343 15.20 18.29 14.61
C SER B 343 14.26 19.42 14.19
N ASP B 344 13.05 19.42 14.76
CA ASP B 344 11.97 20.41 14.44
C ASP B 344 12.15 21.63 15.37
N ARG B 345 11.17 22.53 15.32
CA ARG B 345 11.22 23.86 15.98
C ARG B 345 11.74 23.68 17.41
N THR B 346 10.97 22.97 18.25
CA THR B 346 11.23 22.85 19.71
C THR B 346 12.39 21.86 19.99
N GLY B 347 13.32 21.66 19.02
CA GLY B 347 14.50 20.76 19.12
C GLY B 347 14.18 19.43 19.80
N VAL B 348 12.89 19.05 19.82
CA VAL B 348 12.38 17.83 20.49
C VAL B 348 13.08 16.64 19.81
N GLY B 349 13.26 16.69 18.49
CA GLY B 349 13.70 15.53 17.73
C GLY B 349 12.50 14.70 17.28
N VAL B 350 12.49 14.31 16.01
CA VAL B 350 11.47 13.38 15.46
C VAL B 350 12.17 12.31 14.66
N LEU B 351 11.40 11.27 14.36
CA LEU B 351 11.63 10.36 13.24
C LEU B 351 10.51 10.69 12.24
N SER B 352 10.83 10.87 10.98
CA SER B 352 9.85 11.30 9.97
C SER B 352 9.97 10.42 8.73
N LYS B 353 8.86 10.31 8.02
CA LYS B 353 8.76 9.75 6.67
C LYS B 353 7.67 10.53 5.96
N PHE B 354 7.53 10.32 4.65
CA PHE B 354 6.72 11.22 3.81
C PHE B 354 5.80 10.39 2.92
N GLY B 355 4.49 10.51 3.11
CA GLY B 355 3.48 9.87 2.20
C GLY B 355 3.00 8.53 2.69
N TYR B 356 1.84 8.50 3.33
CA TYR B 356 1.10 7.26 3.72
C TYR B 356 -0.37 7.43 3.38
N ILE B 357 -1.08 6.30 3.30
CA ILE B 357 -2.56 6.30 3.23
C ILE B 357 -3.12 5.24 4.13
N MET B 358 -4.11 5.63 4.93
CA MET B 358 -4.89 4.70 5.76
C MET B 358 -6.33 4.75 5.24
N LYS B 359 -7.02 3.61 5.28
CA LYS B 359 -8.42 3.53 4.86
C LYS B 359 -9.23 2.79 5.92
N PHE B 360 -10.32 3.41 6.32
CA PHE B 360 -11.18 2.87 7.39
C PHE B 360 -12.58 2.72 6.82
N ASP B 361 -13.20 1.57 7.06
CA ASP B 361 -14.53 1.22 6.49
C ASP B 361 -15.60 1.60 7.51
N LEU B 362 -16.09 2.83 7.41
CA LEU B 362 -17.07 3.35 8.39
C LEU B 362 -18.41 2.57 8.30
N SER B 363 -18.65 1.79 7.24
CA SER B 363 -19.85 0.90 7.16
C SER B 363 -19.71 -0.26 8.14
N GLN B 364 -18.50 -0.59 8.58
CA GLN B 364 -18.29 -1.79 9.43
C GLN B 364 -17.88 -1.42 10.85
N TYR B 365 -17.35 -0.23 11.10
CA TYR B 365 -16.90 0.15 12.46
C TYR B 365 -16.58 1.66 12.46
N PHE B 366 -16.46 2.18 13.68
CA PHE B 366 -15.97 3.53 13.99
C PHE B 366 -14.54 3.37 14.52
N PRO B 367 -13.53 3.92 13.81
CA PRO B 367 -12.13 3.62 14.10
C PRO B 367 -11.54 4.50 15.21
N LEU B 368 -12.08 4.36 16.40
CA LEU B 368 -11.52 4.93 17.64
C LEU B 368 -10.48 3.97 18.18
N LEU B 369 -9.22 4.38 18.27
CA LEU B 369 -8.13 3.45 18.65
C LEU B 369 -8.51 2.76 19.95
N THR B 370 -8.19 1.46 20.01
CA THR B 370 -8.52 0.62 21.19
C THR B 370 -7.25 0.32 21.97
N THR B 371 -6.06 0.61 21.44
CA THR B 371 -4.79 0.26 22.12
C THR B 371 -4.40 1.30 23.18
N LYS B 372 -5.18 2.35 23.30
CA LYS B 372 -5.11 3.29 24.46
C LYS B 372 -6.48 3.93 24.55
N LYS B 373 -6.73 4.69 25.60
CA LYS B 373 -8.04 5.32 25.78
C LYS B 373 -8.04 6.69 25.12
N LEU B 374 -9.08 6.98 24.35
CA LEU B 374 -9.28 8.26 23.64
C LEU B 374 -10.63 8.83 24.07
N PHE B 375 -10.66 10.14 24.29
CA PHE B 375 -11.87 10.92 24.64
C PHE B 375 -12.28 11.76 23.42
N LEU B 376 -13.58 11.92 23.17
CA LEU B 376 -14.12 12.63 22.00
C LEU B 376 -14.95 13.92 22.28
N ARG B 377 -15.27 14.32 23.51
CA ARG B 377 -16.16 15.49 23.69
C ARG B 377 -15.49 16.72 23.05
N GLY B 378 -14.21 16.97 23.36
CA GLY B 378 -13.46 18.09 22.81
C GLY B 378 -13.42 18.09 21.29
N ILE B 379 -13.14 16.95 20.70
CA ILE B 379 -13.01 16.81 19.22
C ILE B 379 -14.38 17.08 18.57
N ILE B 380 -15.48 16.67 19.18
CA ILE B 380 -16.83 16.99 18.65
C ILE B 380 -17.09 18.49 18.77
N GLU B 381 -16.83 19.09 19.95
CA GLU B 381 -17.07 20.54 20.12
C GLU B 381 -16.23 21.31 19.08
N GLU B 382 -15.00 20.87 18.82
CA GLU B 382 -14.13 21.51 17.80
C GLU B 382 -14.84 21.51 16.44
N LEU B 383 -15.36 20.38 16.00
CA LEU B 383 -16.02 20.30 14.68
C LEU B 383 -17.25 21.20 14.69
N LEU B 384 -18.03 21.20 15.77
CA LEU B 384 -19.26 22.04 15.83
C LEU B 384 -18.90 23.54 15.70
N TRP B 385 -17.81 23.94 16.33
CA TRP B 385 -17.19 25.27 16.27
C TRP B 385 -16.74 25.57 14.84
N PHE B 386 -16.04 24.65 14.16
CA PHE B 386 -15.68 24.83 12.74
C PHE B 386 -16.94 25.09 11.92
N ILE B 387 -17.96 24.27 12.14
CA ILE B 387 -19.20 24.33 11.30
C ILE B 387 -19.93 25.66 11.52
N ARG B 388 -19.92 26.20 12.73
CA ARG B 388 -20.49 27.55 13.00
C ARG B 388 -19.65 28.66 12.34
N GLY B 389 -18.45 28.36 11.86
CA GLY B 389 -17.58 29.36 11.20
C GLY B 389 -16.76 30.15 12.23
N GLU B 390 -16.70 29.69 13.47
CA GLU B 390 -16.12 30.48 14.60
C GLU B 390 -14.59 30.50 14.50
N THR B 391 -14.00 31.57 15.01
CA THR B 391 -12.53 31.69 15.16
C THR B 391 -12.18 32.11 16.59
N ASN B 392 -13.18 32.19 17.47
CA ASN B 392 -13.01 32.71 18.84
C ASN B 392 -12.58 31.55 19.75
N GLY B 393 -11.32 31.47 20.08
CA GLY B 393 -10.79 30.41 20.95
C GLY B 393 -11.50 30.40 22.30
N ASN B 394 -11.99 31.54 22.78
CA ASN B 394 -12.64 31.62 24.13
C ASN B 394 -13.84 30.71 24.14
N THR B 395 -14.57 30.61 23.01
CA THR B 395 -15.74 29.69 22.97
C THR B 395 -15.35 28.29 23.41
N LEU B 396 -14.24 27.77 22.91
CA LEU B 396 -13.81 26.40 23.26
C LEU B 396 -13.30 26.41 24.71
N LEU B 397 -12.55 27.45 25.11
CA LEU B 397 -11.93 27.40 26.47
C LEU B 397 -13.01 27.45 27.55
N ASN B 398 -14.08 28.16 27.29
CA ASN B 398 -15.24 28.25 28.22
C ASN B 398 -16.00 26.91 28.34
N LYS B 399 -15.76 25.93 27.47
CA LYS B 399 -16.27 24.55 27.52
C LYS B 399 -15.17 23.59 27.96
N ASN B 400 -14.05 24.11 28.45
CA ASN B 400 -12.86 23.33 28.84
C ASN B 400 -12.41 22.44 27.68
N VAL B 401 -12.45 22.97 26.46
CA VAL B 401 -11.82 22.36 25.28
C VAL B 401 -10.59 23.19 24.97
N ARG B 402 -9.42 22.61 25.18
CA ARG B 402 -8.14 23.35 25.32
C ARG B 402 -7.21 23.02 24.16
N ILE B 403 -7.75 22.42 23.09
CA ILE B 403 -7.00 22.00 21.87
C ILE B 403 -6.26 23.19 21.25
N TRP B 404 -6.85 24.39 21.25
CA TRP B 404 -6.26 25.60 20.64
C TRP B 404 -5.67 26.57 21.67
N GLU B 405 -5.58 26.17 22.92
CA GLU B 405 -5.25 27.17 23.98
C GLU B 405 -3.81 27.66 23.76
N ALA B 406 -2.85 26.76 23.53
CA ALA B 406 -1.43 27.11 23.30
C ALA B 406 -1.32 28.06 22.11
N ASN B 407 -2.17 27.94 21.08
CA ASN B 407 -2.01 28.71 19.82
C ASN B 407 -2.63 30.10 19.95
N GLY B 408 -3.32 30.39 21.05
CA GLY B 408 -3.97 31.69 21.22
C GLY B 408 -3.28 32.58 22.24
N THR B 409 -2.22 32.12 22.93
CA THR B 409 -1.59 32.97 23.97
C THR B 409 -0.97 34.25 23.37
N ARG B 410 -0.83 35.31 24.19
CA ARG B 410 -0.08 36.54 23.85
C ARG B 410 1.27 36.12 23.30
N GLU B 411 1.97 35.19 23.96
CA GLU B 411 3.37 34.85 23.60
C GLU B 411 3.35 34.17 22.24
N PHE B 412 2.40 33.27 22.03
CA PHE B 412 2.38 32.51 20.75
C PHE B 412 2.05 33.48 19.61
N LEU B 413 1.03 34.31 19.76
CA LEU B 413 0.63 35.28 18.70
C LEU B 413 1.78 36.24 18.39
N ASP B 414 2.49 36.75 19.43
CA ASP B 414 3.60 37.72 19.26
C ASP B 414 4.72 37.05 18.48
N ASN B 415 4.98 35.79 18.76
CA ASN B 415 6.04 35.00 18.08
C ASN B 415 5.60 34.73 16.64
N ARG B 416 4.29 34.71 16.33
CA ARG B 416 3.80 34.65 14.94
C ARG B 416 3.78 36.04 14.28
N LYS B 417 4.21 37.09 14.98
CA LYS B 417 4.17 38.51 14.53
C LYS B 417 2.71 39.02 14.47
N LEU B 418 1.78 38.42 15.22
CA LEU B 418 0.38 38.89 15.31
C LEU B 418 0.25 39.79 16.56
N PHE B 419 1.02 40.87 16.57
CA PHE B 419 1.10 41.85 17.71
C PHE B 419 -0.25 42.52 17.89
N HIS B 420 -1.02 42.69 16.80
CA HIS B 420 -2.31 43.40 16.81
C HIS B 420 -3.49 42.40 16.91
N ARG B 421 -3.24 41.20 17.40
CA ARG B 421 -4.31 40.16 17.54
C ARG B 421 -4.66 39.99 19.01
N GLU B 422 -5.95 40.06 19.32
CA GLU B 422 -6.39 39.78 20.69
C GLU B 422 -6.06 38.32 21.03
N VAL B 423 -5.73 38.05 22.29
CA VAL B 423 -5.57 36.70 22.87
C VAL B 423 -6.79 35.84 22.51
N ASN B 424 -6.50 34.65 21.98
CA ASN B 424 -7.51 33.63 21.60
C ASN B 424 -8.26 34.03 20.34
N ASP B 425 -7.90 35.13 19.68
CA ASP B 425 -8.35 35.43 18.30
C ASP B 425 -7.43 34.69 17.34
N LEU B 426 -7.86 33.51 16.90
CA LEU B 426 -7.01 32.56 16.15
C LEU B 426 -6.87 33.02 14.69
N GLY B 427 -7.60 34.05 14.30
CA GLY B 427 -7.57 34.52 12.93
C GLY B 427 -8.40 33.67 11.99
N PRO B 428 -8.16 33.80 10.68
CA PRO B 428 -9.02 33.14 9.69
C PRO B 428 -8.66 31.65 9.43
N ILE B 429 -8.85 30.86 10.46
CA ILE B 429 -8.57 29.39 10.49
C ILE B 429 -9.80 28.62 9.97
N TYR B 430 -9.79 27.31 10.14
CA TYR B 430 -10.78 26.38 9.54
C TYR B 430 -12.18 26.97 9.39
N GLY B 431 -12.81 27.31 10.51
CA GLY B 431 -14.22 27.68 10.52
C GLY B 431 -14.47 28.87 9.61
N PHE B 432 -13.55 29.84 9.64
CA PHE B 432 -13.64 31.02 8.75
C PHE B 432 -13.46 30.63 7.28
N GLN B 433 -12.51 29.75 6.96
CA GLN B 433 -12.32 29.33 5.56
C GLN B 433 -13.48 28.48 5.10
N TRP B 434 -14.01 27.61 5.95
CA TRP B 434 -15.13 26.73 5.55
C TRP B 434 -16.41 27.54 5.21
N ARG B 435 -16.68 28.62 5.93
CA ARG B 435 -17.94 29.41 5.79
C ARG B 435 -17.73 30.72 5.04
N HIS B 436 -16.50 31.25 4.92
CA HIS B 436 -16.27 32.65 4.47
C HIS B 436 -14.97 32.82 3.68
N PHE B 437 -14.50 31.77 2.99
CA PHE B 437 -13.24 31.81 2.23
C PHE B 437 -13.20 33.07 1.33
N GLY B 438 -12.16 33.89 1.50
CA GLY B 438 -11.94 35.06 0.66
C GLY B 438 -12.43 36.35 1.30
N ALA B 439 -13.26 36.29 2.33
CA ALA B 439 -13.74 37.48 3.04
C ALA B 439 -12.54 38.08 3.78
N GLU B 440 -12.61 39.40 4.01
CA GLU B 440 -11.54 40.12 4.76
C GLU B 440 -11.68 39.77 6.23
N TYR B 441 -10.71 39.14 6.84
CA TYR B 441 -10.81 38.89 8.29
C TYR B 441 -10.61 40.23 9.01
N THR B 442 -11.45 40.53 9.99
CA THR B 442 -11.32 41.74 10.85
C THR B 442 -10.94 41.31 12.27
N ASN B 443 -11.91 40.84 13.05
CA ASN B 443 -11.63 40.23 14.37
C ASN B 443 -12.65 39.09 14.55
N MET B 444 -12.49 38.38 15.66
CA MET B 444 -13.27 37.15 15.97
C MET B 444 -14.72 37.51 16.33
N TYR B 445 -15.04 38.79 16.54
CA TYR B 445 -16.40 39.25 16.95
C TYR B 445 -17.21 39.76 15.76
N ASP B 446 -16.64 39.94 14.61
CA ASP B 446 -17.36 40.62 13.52
C ASP B 446 -18.46 39.69 12.97
N ASN B 447 -19.42 40.29 12.30
CA ASN B 447 -20.53 39.60 11.60
C ASN B 447 -20.08 39.34 10.15
N TYR B 448 -19.83 38.09 9.79
CA TYR B 448 -19.36 37.76 8.43
C TYR B 448 -20.53 37.19 7.60
N GLU B 449 -21.77 37.37 8.07
CA GLU B 449 -22.93 36.73 7.38
C GLU B 449 -22.89 37.15 5.93
N ASN B 450 -22.90 36.16 5.03
CA ASN B 450 -23.00 36.32 3.57
C ASN B 450 -21.70 36.88 3.01
N LYS B 451 -20.58 36.80 3.75
CA LYS B 451 -19.29 37.27 3.18
C LYS B 451 -18.41 36.06 2.84
N GLY B 452 -17.79 36.09 1.68
CA GLY B 452 -16.85 35.07 1.21
C GLY B 452 -17.59 33.85 0.70
N VAL B 453 -16.86 32.79 0.44
CA VAL B 453 -17.45 31.55 -0.15
C VAL B 453 -17.80 30.61 0.96
N ASP B 454 -19.09 30.23 1.03
CA ASP B 454 -19.57 29.20 1.95
C ASP B 454 -19.33 27.82 1.33
N GLN B 455 -18.09 27.36 1.44
CA GLN B 455 -17.61 26.12 0.83
C GLN B 455 -18.33 24.93 1.44
N LEU B 456 -18.62 24.98 2.74
CA LEU B 456 -19.32 23.88 3.40
C LEU B 456 -20.75 23.72 2.79
N LYS B 457 -21.49 24.81 2.65
CA LYS B 457 -22.81 24.75 1.99
C LYS B 457 -22.62 24.24 0.57
N ASN B 458 -21.62 24.74 -0.14
CA ASN B 458 -21.39 24.38 -1.56
C ASN B 458 -21.13 22.87 -1.68
N ILE B 459 -20.32 22.25 -0.81
CA ILE B 459 -20.00 20.81 -1.01
C ILE B 459 -21.25 19.96 -0.67
N ILE B 460 -22.07 20.38 0.28
CA ILE B 460 -23.34 19.66 0.60
C ILE B 460 -24.27 19.70 -0.63
N ASN B 461 -24.42 20.88 -1.23
CA ASN B 461 -25.23 21.05 -2.44
C ASN B 461 -24.66 20.20 -3.58
N LEU B 462 -23.32 20.11 -3.75
CA LEU B 462 -22.73 19.29 -4.81
C LEU B 462 -23.01 17.81 -4.56
N ILE B 463 -22.87 17.34 -3.33
CA ILE B 463 -23.13 15.91 -3.03
C ILE B 463 -24.61 15.59 -3.36
N LYS B 464 -25.52 16.46 -2.97
CA LYS B 464 -26.98 16.24 -3.18
C LYS B 464 -27.34 16.39 -4.66
N ASN B 465 -26.84 17.41 -5.35
CA ASN B 465 -27.28 17.78 -6.73
C ASN B 465 -26.34 17.28 -7.80
N ASP B 466 -25.05 16.98 -7.52
CA ASP B 466 -24.13 16.55 -8.60
C ASP B 466 -23.12 15.56 -8.01
N PRO B 467 -23.61 14.41 -7.54
CA PRO B 467 -22.80 13.48 -6.74
C PRO B 467 -21.62 12.87 -7.52
N THR B 468 -21.64 12.83 -8.86
CA THR B 468 -20.45 12.32 -9.61
C THR B 468 -19.42 13.45 -9.90
N SER B 469 -19.67 14.68 -9.43
CA SER B 469 -18.68 15.78 -9.47
C SER B 469 -17.34 15.28 -8.91
N ARG B 470 -16.25 15.62 -9.57
CA ARG B 470 -14.87 15.42 -9.03
C ARG B 470 -14.33 16.72 -8.43
N ARG B 471 -15.22 17.66 -8.10
CA ARG B 471 -14.87 19.02 -7.61
C ARG B 471 -15.39 19.19 -6.19
N ILE B 472 -15.75 18.11 -5.51
CA ILE B 472 -16.39 18.22 -4.19
C ILE B 472 -15.22 18.27 -3.17
N LEU B 473 -14.64 19.44 -2.98
CA LEU B 473 -13.47 19.63 -2.10
C LEU B 473 -13.73 20.74 -1.15
N LEU B 474 -13.31 20.55 0.08
CA LEU B 474 -13.46 21.56 1.13
C LEU B 474 -12.03 21.89 1.61
N CYS B 475 -11.52 23.11 1.36
CA CYS B 475 -10.09 23.47 1.46
C CYS B 475 -9.90 24.57 2.52
N ALA B 476 -9.09 24.31 3.52
CA ALA B 476 -8.74 25.25 4.59
C ALA B 476 -7.46 26.02 4.29
N TRP B 477 -6.63 25.57 3.35
CA TRP B 477 -5.34 26.20 3.03
C TRP B 477 -5.56 27.41 2.12
N ASN B 478 -5.88 28.55 2.73
CA ASN B 478 -6.03 29.84 2.03
C ASN B 478 -4.68 30.55 2.04
N VAL B 479 -3.95 30.46 0.94
CA VAL B 479 -2.55 30.95 0.81
C VAL B 479 -2.51 32.46 1.22
N LYS B 480 -3.52 33.22 0.80
CA LYS B 480 -3.60 34.67 1.10
C LYS B 480 -3.66 34.92 2.62
N ASP B 481 -4.35 34.07 3.37
CA ASP B 481 -4.63 34.29 4.81
C ASP B 481 -3.64 33.54 5.72
N LEU B 482 -2.73 32.68 5.21
CA LEU B 482 -1.92 31.81 6.13
C LEU B 482 -1.28 32.64 7.22
N ASP B 483 -0.65 33.72 6.87
CA ASP B 483 0.15 34.47 7.86
C ASP B 483 -0.75 35.15 8.89
N GLN B 484 -2.04 35.29 8.59
CA GLN B 484 -3.01 35.88 9.56
C GLN B 484 -3.52 34.77 10.51
N MET B 485 -3.32 33.49 10.19
CA MET B 485 -3.78 32.39 11.05
C MET B 485 -2.81 32.24 12.23
N ALA B 486 -3.31 31.89 13.40
CA ALA B 486 -2.44 31.53 14.55
C ALA B 486 -1.49 30.41 14.12
N LEU B 487 -1.98 29.43 13.35
CA LEU B 487 -1.06 28.61 12.52
C LEU B 487 -1.83 28.08 11.32
N PRO B 488 -1.08 27.77 10.28
CA PRO B 488 -1.64 27.24 9.03
C PRO B 488 -2.25 25.87 9.30
N PRO B 489 -3.34 25.49 8.61
CA PRO B 489 -4.05 24.26 8.95
C PRO B 489 -3.19 23.03 8.69
N CYS B 490 -3.25 22.03 9.57
CA CYS B 490 -2.63 20.71 9.36
C CYS B 490 -3.48 19.92 8.35
N HIS B 491 -4.82 20.05 8.46
CA HIS B 491 -5.85 19.31 7.67
C HIS B 491 -6.18 20.16 6.45
N ILE B 492 -5.48 19.93 5.38
CA ILE B 492 -5.43 20.86 4.23
C ILE B 492 -6.79 20.87 3.51
N LEU B 493 -7.30 19.69 3.24
CA LEU B 493 -8.55 19.57 2.46
C LEU B 493 -9.29 18.30 2.79
N CYS B 494 -10.59 18.26 2.48
CA CYS B 494 -11.39 17.01 2.40
C CYS B 494 -11.91 16.91 0.97
N GLN B 495 -11.85 15.75 0.37
CA GLN B 495 -12.48 15.51 -0.94
C GLN B 495 -13.51 14.42 -0.67
N PHE B 496 -14.65 14.51 -1.36
CA PHE B 496 -15.72 13.54 -1.21
C PHE B 496 -15.95 12.81 -2.53
N TYR B 497 -16.51 11.63 -2.38
CA TYR B 497 -16.79 10.71 -3.51
C TYR B 497 -18.13 10.07 -3.20
N VAL B 498 -19.01 10.00 -4.18
CA VAL B 498 -20.34 9.42 -3.98
C VAL B 498 -20.54 8.31 -5.01
N PHE B 499 -20.87 7.11 -4.52
CA PHE B 499 -21.21 5.96 -5.39
C PHE B 499 -22.27 5.10 -4.71
N ASP B 500 -23.31 4.78 -5.49
CA ASP B 500 -24.39 3.86 -5.04
C ASP B 500 -24.93 4.27 -3.68
N GLY B 501 -25.19 5.56 -3.47
CA GLY B 501 -25.81 6.03 -2.23
C GLY B 501 -24.84 6.02 -1.04
N LYS B 502 -23.54 5.94 -1.30
CA LYS B 502 -22.51 5.88 -0.18
C LYS B 502 -21.48 7.00 -0.35
N LEU B 503 -21.04 7.58 0.76
CA LEU B 503 -20.11 8.74 0.77
C LEU B 503 -18.77 8.32 1.36
N SER B 504 -17.71 8.52 0.60
CA SER B 504 -16.31 8.36 1.07
C SER B 504 -15.67 9.76 1.12
N CYS B 505 -14.66 9.90 1.97
CA CYS B 505 -13.98 11.17 2.18
C CYS B 505 -12.47 10.87 2.26
N ILE B 506 -11.67 11.69 1.57
CA ILE B 506 -10.21 11.73 1.69
C ILE B 506 -9.88 13.01 2.48
N MET B 507 -9.06 12.92 3.52
CA MET B 507 -8.50 14.14 4.14
C MET B 507 -6.98 14.09 3.96
N TYR B 508 -6.38 15.18 3.45
CA TYR B 508 -4.91 15.28 3.21
C TYR B 508 -4.35 16.08 4.37
N GLN B 509 -3.38 15.50 5.09
CA GLN B 509 -2.81 16.15 6.30
C GLN B 509 -1.33 16.43 6.07
N ARG B 510 -0.94 17.71 6.08
CA ARG B 510 0.45 18.11 5.70
C ARG B 510 1.44 17.65 6.81
N SER B 511 0.97 17.60 8.04
CA SER B 511 1.86 17.39 9.21
C SER B 511 1.10 16.54 10.21
N CYS B 512 1.68 15.40 10.57
CA CYS B 512 1.02 14.31 11.30
C CYS B 512 1.85 13.91 12.53
N ASP B 513 1.37 14.26 13.71
CA ASP B 513 1.95 13.83 15.02
C ASP B 513 1.35 12.45 15.29
N LEU B 514 2.07 11.39 14.92
CA LEU B 514 1.53 10.02 14.91
C LEU B 514 1.12 9.63 16.32
N GLY B 515 1.94 9.99 17.32
CA GLY B 515 1.71 9.52 18.68
C GLY B 515 0.53 10.18 19.37
N LEU B 516 0.39 11.50 19.29
CA LEU B 516 -0.67 12.25 20.01
C LEU B 516 -1.76 12.76 19.04
N GLY B 517 -1.42 13.30 17.86
CA GLY B 517 -2.44 14.01 17.03
C GLY B 517 -3.28 13.06 16.18
N VAL B 518 -2.62 12.14 15.46
CA VAL B 518 -3.27 11.31 14.41
C VAL B 518 -4.44 10.51 14.96
N PRO B 519 -4.38 9.91 16.20
CA PRO B 519 -5.54 9.19 16.75
C PRO B 519 -6.84 10.03 16.85
N PHE B 520 -6.69 11.28 17.28
CA PHE B 520 -7.79 12.28 17.30
C PHE B 520 -8.21 12.65 15.88
N ASN B 521 -7.25 12.77 14.97
CA ASN B 521 -7.50 13.28 13.61
C ASN B 521 -8.37 12.25 12.87
N ILE B 522 -8.05 10.97 13.00
CA ILE B 522 -8.85 9.86 12.44
C ILE B 522 -10.29 9.97 12.99
N ALA B 523 -10.47 10.16 14.30
CA ALA B 523 -11.81 10.32 14.91
C ALA B 523 -12.55 11.55 14.39
N SER B 524 -11.95 12.73 14.37
CA SER B 524 -12.57 13.98 13.85
C SER B 524 -13.16 13.75 12.44
N TYR B 525 -12.36 13.31 11.48
CA TYR B 525 -12.79 13.25 10.06
C TYR B 525 -13.70 12.04 9.80
N SER B 526 -13.60 11.01 10.60
CA SER B 526 -14.58 9.89 10.57
C SER B 526 -15.95 10.40 11.06
N ILE B 527 -15.98 11.15 12.16
CA ILE B 527 -17.23 11.82 12.65
C ILE B 527 -17.77 12.76 11.56
N PHE B 528 -16.93 13.62 11.00
CA PHE B 528 -17.40 14.59 10.00
C PHE B 528 -18.02 13.85 8.78
N THR B 529 -17.40 12.77 8.35
CA THR B 529 -17.90 11.96 7.21
C THR B 529 -19.32 11.48 7.50
N HIS B 530 -19.57 10.96 8.71
CA HIS B 530 -20.90 10.50 9.16
C HIS B 530 -21.91 11.67 9.12
N MET B 531 -21.49 12.86 9.53
CA MET B 531 -22.40 14.04 9.62
C MET B 531 -22.78 14.46 8.19
N ILE B 532 -21.83 14.50 7.28
CA ILE B 532 -22.06 14.97 5.89
C ILE B 532 -22.93 13.89 5.23
N ALA B 533 -22.58 12.61 5.44
CA ALA B 533 -23.35 11.49 4.84
C ALA B 533 -24.82 11.63 5.29
N GLN B 534 -25.02 11.82 6.55
CA GLN B 534 -26.38 11.83 7.14
C GLN B 534 -27.18 13.02 6.61
N VAL B 535 -26.59 14.21 6.48
CA VAL B 535 -27.40 15.39 6.08
C VAL B 535 -27.66 15.30 4.58
N CYS B 536 -26.95 14.44 3.85
CA CYS B 536 -27.13 14.23 2.39
C CYS B 536 -27.94 12.93 2.11
N ASN B 537 -28.39 12.21 3.14
CA ASN B 537 -29.23 10.98 3.01
C ASN B 537 -28.43 9.89 2.32
N LEU B 538 -27.15 9.82 2.67
CA LEU B 538 -26.21 8.79 2.17
C LEU B 538 -25.73 7.95 3.36
N GLN B 539 -25.12 6.81 3.06
CA GLN B 539 -24.52 5.93 4.06
C GLN B 539 -23.02 6.19 3.99
N PRO B 540 -22.29 6.33 5.11
CA PRO B 540 -20.84 6.48 4.99
C PRO B 540 -20.22 5.17 4.51
N ALA B 541 -19.18 5.31 3.70
CA ALA B 541 -18.37 4.19 3.19
C ALA B 541 -16.96 4.32 3.81
N GLN B 542 -16.00 4.87 3.09
CA GLN B 542 -14.61 4.93 3.65
C GLN B 542 -14.23 6.33 4.15
N PHE B 543 -13.43 6.37 5.22
CA PHE B 543 -12.60 7.55 5.51
C PHE B 543 -11.16 7.15 5.15
N ILE B 544 -10.53 7.98 4.32
CA ILE B 544 -9.21 7.73 3.72
C ILE B 544 -8.32 8.90 4.14
N HIS B 545 -7.27 8.56 4.87
CA HIS B 545 -6.40 9.54 5.53
C HIS B 545 -5.07 9.53 4.80
N VAL B 546 -4.71 10.63 4.16
CA VAL B 546 -3.42 10.76 3.45
C VAL B 546 -2.48 11.58 4.36
N LEU B 547 -1.36 11.00 4.72
CA LEU B 547 -0.35 11.65 5.61
C LEU B 547 0.79 12.16 4.75
N GLY B 548 1.10 13.45 4.86
CA GLY B 548 2.25 14.08 4.20
C GLY B 548 3.50 13.86 5.05
N ASN B 549 3.89 14.87 5.82
CA ASN B 549 5.03 14.74 6.77
C ASN B 549 4.52 14.01 7.99
N ALA B 550 4.87 12.72 8.09
CA ALA B 550 4.42 11.81 9.14
C ALA B 550 5.56 11.61 10.13
N HIS B 551 5.40 12.01 11.38
CA HIS B 551 6.52 11.99 12.36
C HIS B 551 6.09 11.44 13.71
N VAL B 552 7.06 10.82 14.35
CA VAL B 552 6.95 10.34 15.73
C VAL B 552 7.94 11.19 16.53
N TYR B 553 7.46 11.91 17.54
CA TYR B 553 8.30 12.68 18.48
C TYR B 553 9.17 11.67 19.24
N ASN B 554 10.44 11.97 19.43
CA ASN B 554 11.36 11.06 20.15
C ASN B 554 10.84 10.83 21.57
N ASN B 555 10.15 11.81 22.16
CA ASN B 555 9.62 11.71 23.52
C ASN B 555 8.33 10.88 23.58
N HIS B 556 7.88 10.32 22.46
CA HIS B 556 6.73 9.38 22.45
C HIS B 556 7.17 7.91 22.28
N ILE B 557 8.43 7.62 22.00
CA ILE B 557 8.92 6.28 21.52
C ILE B 557 8.66 5.20 22.59
N ASP B 558 8.98 5.47 23.85
CA ASP B 558 8.75 4.49 24.94
C ASP B 558 7.27 4.16 25.01
N SER B 559 6.41 5.15 24.97
CA SER B 559 4.96 4.97 25.13
C SER B 559 4.41 4.21 23.89
N LEU B 560 4.88 4.54 22.70
CA LEU B 560 4.39 3.87 21.45
C LEU B 560 4.91 2.42 21.42
N LYS B 561 6.06 2.12 22.06
CA LYS B 561 6.51 0.70 22.15
C LYS B 561 5.58 -0.11 23.05
N ILE B 562 5.13 0.46 24.16
CA ILE B 562 4.09 -0.16 24.99
C ILE B 562 2.84 -0.38 24.11
N GLN B 563 2.42 0.64 23.38
CA GLN B 563 1.13 0.56 22.64
C GLN B 563 1.21 -0.52 21.54
N LEU B 564 2.32 -0.62 20.82
CA LEU B 564 2.44 -1.55 19.66
C LEU B 564 2.37 -3.03 20.11
N ASN B 565 2.65 -3.29 21.39
CA ASN B 565 2.59 -4.62 22.02
C ASN B 565 1.20 -4.90 22.61
N ARG B 566 0.20 -4.06 22.32
CA ARG B 566 -1.15 -4.31 22.81
C ARG B 566 -1.97 -4.79 21.63
N ILE B 567 -2.76 -5.82 21.86
CA ILE B 567 -3.65 -6.30 20.78
C ILE B 567 -4.96 -5.50 20.78
N PRO B 568 -5.35 -4.95 19.63
CA PRO B 568 -6.62 -4.23 19.55
C PRO B 568 -7.84 -5.07 19.88
N TYR B 569 -8.87 -4.39 20.38
CA TYR B 569 -10.22 -4.95 20.60
C TYR B 569 -11.05 -4.61 19.38
N PRO B 570 -12.17 -5.31 19.17
CA PRO B 570 -13.14 -4.90 18.14
C PRO B 570 -13.56 -3.43 18.39
N PHE B 571 -13.69 -2.68 17.30
CA PHE B 571 -13.99 -1.22 17.33
C PHE B 571 -15.42 -0.97 17.83
N PRO B 572 -15.64 0.26 18.35
CA PRO B 572 -16.96 0.71 18.72
C PRO B 572 -17.72 1.16 17.48
N THR B 573 -18.91 1.69 17.71
CA THR B 573 -19.79 2.21 16.65
C THR B 573 -20.15 3.64 17.08
N LEU B 574 -20.42 4.47 16.10
CA LEU B 574 -20.89 5.84 16.34
C LEU B 574 -22.37 5.86 15.98
N LYS B 575 -23.18 6.43 16.84
CA LYS B 575 -24.61 6.70 16.54
C LYS B 575 -24.85 8.22 16.55
N LEU B 576 -25.39 8.73 15.47
CA LEU B 576 -25.87 10.11 15.42
C LEU B 576 -27.39 10.10 15.67
N ASN B 577 -27.92 11.09 16.34
CA ASN B 577 -29.39 11.38 16.30
C ASN B 577 -29.87 11.45 14.85
N PRO B 578 -30.74 10.51 14.38
CA PRO B 578 -31.13 10.43 12.98
C PRO B 578 -31.99 11.57 12.42
N ASP B 579 -32.60 12.32 13.32
CA ASP B 579 -33.45 13.50 13.03
C ASP B 579 -32.64 14.68 12.47
N ILE B 580 -31.31 14.73 12.64
CA ILE B 580 -30.52 15.89 12.19
C ILE B 580 -30.31 15.80 10.69
N LYS B 581 -30.86 16.73 9.92
CA LYS B 581 -30.76 16.67 8.45
C LYS B 581 -30.16 17.96 7.89
N ASN B 582 -29.62 18.85 8.73
CA ASN B 582 -28.87 20.05 8.29
C ASN B 582 -27.57 20.14 9.13
N ILE B 583 -26.45 20.35 8.45
CA ILE B 583 -25.09 20.25 9.05
C ILE B 583 -24.96 21.24 10.19
N GLU B 584 -25.74 22.33 10.18
CA GLU B 584 -25.67 23.36 11.23
C GLU B 584 -26.48 22.97 12.45
N ASP B 585 -27.24 21.86 12.46
CA ASP B 585 -28.22 21.57 13.53
C ASP B 585 -27.68 20.57 14.55
N PHE B 586 -26.45 20.05 14.42
CA PHE B 586 -25.89 19.06 15.36
C PHE B 586 -25.51 19.77 16.65
N THR B 587 -25.67 19.08 17.76
CA THR B 587 -25.29 19.55 19.10
C THR B 587 -24.57 18.41 19.76
N ILE B 588 -23.88 18.68 20.87
CA ILE B 588 -23.00 17.66 21.48
C ILE B 588 -23.82 16.42 21.84
N SER B 589 -25.11 16.56 22.15
CA SER B 589 -25.94 15.43 22.64
C SER B 589 -26.37 14.54 21.46
N ASP B 590 -26.06 14.92 20.23
CA ASP B 590 -26.48 14.15 19.02
C ASP B 590 -25.49 12.99 18.70
N PHE B 591 -24.45 12.79 19.48
CA PHE B 591 -23.30 11.91 19.20
C PHE B 591 -23.18 10.90 20.33
N THR B 592 -23.23 9.63 20.00
CA THR B 592 -23.02 8.57 21.04
C THR B 592 -21.99 7.58 20.51
N ILE B 593 -20.98 7.28 21.29
CA ILE B 593 -20.03 6.18 20.96
C ILE B 593 -20.54 4.94 21.66
N GLN B 594 -20.79 3.84 20.97
CA GLN B 594 -21.29 2.63 21.67
C GLN B 594 -20.20 1.55 21.68
N ASN B 595 -20.14 0.78 22.77
CA ASN B 595 -19.33 -0.46 22.82
C ASN B 595 -17.85 -0.15 22.65
N TYR B 596 -17.38 0.94 23.24
CA TYR B 596 -15.93 1.25 23.25
C TYR B 596 -15.21 0.43 24.31
N VAL B 597 -14.40 -0.51 23.82
CA VAL B 597 -13.58 -1.44 24.63
C VAL B 597 -12.14 -1.08 24.30
N HIS B 598 -11.35 -0.73 25.32
CA HIS B 598 -10.04 -0.10 25.09
C HIS B 598 -9.05 -0.52 26.18
N HIS B 599 -7.77 -0.55 25.81
CA HIS B 599 -6.66 -0.68 26.78
C HIS B 599 -6.59 0.62 27.61
N GLU B 600 -5.75 0.58 28.63
CA GLU B 600 -5.50 1.70 29.56
C GLU B 600 -4.98 2.91 28.81
N LYS B 601 -5.33 4.11 29.28
CA LYS B 601 -4.71 5.40 28.89
C LYS B 601 -3.19 5.29 28.93
N ILE B 602 -2.57 5.97 27.99
CA ILE B 602 -1.10 6.13 27.90
C ILE B 602 -0.84 7.64 27.87
N SER B 603 0.02 8.14 28.76
CA SER B 603 0.59 9.52 28.67
C SER B 603 1.70 9.45 27.63
N MET B 604 1.57 10.10 26.49
CA MET B 604 2.49 9.75 25.37
C MET B 604 3.91 10.20 25.73
N ASP B 605 4.01 11.23 26.58
CA ASP B 605 5.30 11.71 27.13
C ASP B 605 5.43 11.23 28.59
N MET B 606 6.44 10.38 28.86
CA MET B 606 6.76 9.65 30.12
C MET B 606 5.70 8.56 30.32
N ALA B 607 5.92 7.43 29.62
CA ALA B 607 5.08 6.21 29.46
C ALA B 607 4.00 6.02 30.55
N ALA B 608 2.71 5.91 30.16
CA ALA B 608 1.61 5.32 30.97
C ALA B 608 0.98 4.14 30.20
#